data_4H49
#
_entry.id   4H49
#
_cell.length_a   47.440
_cell.length_b   106.490
_cell.length_c   65.880
_cell.angle_alpha   90.00
_cell.angle_beta   94.96
_cell.angle_gamma   90.00
#
_symmetry.space_group_name_H-M   'P 1 21 1'
#
loop_
_entity.id
_entity.type
_entity.pdbx_description
1 polymer 'Macrophage metalloelastase'
2 non-polymer 'ZINC ION'
3 non-polymer 'CALCIUM ION'
4 non-polymer S-1,2-PROPANEDIOL
5 non-polymer 'DIMETHYL SULFOXIDE'
6 non-polymer DI(HYDROXYETHYL)ETHER
7 non-polymer "N,N'-bis(2-{(biphenyl-4-ylsulfonyl)[(2R)-1-(hydroxyamino)-3-methyl-1-oxobutan-2-yl]amino}ethyl)benzene-1,3-dicarboxamide (non-preferred name)"
8 non-polymer GLYCEROL
9 water water
#
_entity_poly.entity_id   1
_entity_poly.type   'polypeptide(L)'
_entity_poly.pdbx_seq_one_letter_code
;MGPVWRKHYITYRINNYTPDMNREDVDYAIRKAFQVWSNVTPLKFSKINTGMADILVVFARGAHGDDHAFDGKGGILAHA
FGPGSGIGGDAHFDEDEFWTTHSGGTNLFLTAVHEIGHSLGLGHSSDPKAVMFPTYKYVDINTFRLSADDIRGIQSLYG
;
_entity_poly.pdbx_strand_id   A,B,C,D
#
loop_
_chem_comp.id
_chem_comp.type
_chem_comp.name
_chem_comp.formula
CA non-polymer 'CALCIUM ION' 'Ca 2'
DMS non-polymer 'DIMETHYL SULFOXIDE' 'C2 H6 O S'
GOL non-polymer GLYCEROL 'C3 H8 O3'
L29 non-polymer 'N,N'-bis(2-{(biphenyl-4-ylsulfonyl)[(2R)-1-(hydroxyamino)-3-methyl-1-oxobutan-2-yl]amino}ethyl)benzene-1,3-dicarboxamide (non-preferred name)' 'C46 H52 N6 O10 S2'
PEG non-polymer DI(HYDROXYETHYL)ETHER 'C4 H10 O3'
PGO non-polymer S-1,2-PROPANEDIOL 'C3 H8 O2'
ZN non-polymer 'ZINC ION' 'Zn 2'
#
# COMPACT_ATOMS: atom_id res chain seq x y z
N MET A 1 22.28 -8.43 -43.65
CA MET A 1 21.15 -7.54 -43.38
C MET A 1 19.84 -8.32 -43.41
N GLY A 2 18.79 -7.72 -42.85
CA GLY A 2 17.43 -8.19 -43.06
C GLY A 2 16.85 -7.44 -44.25
N PRO A 3 15.60 -6.98 -44.16
CA PRO A 3 15.08 -6.21 -45.29
C PRO A 3 15.57 -4.75 -45.29
N VAL A 4 15.59 -4.13 -46.47
CA VAL A 4 15.81 -2.70 -46.61
C VAL A 4 14.86 -2.18 -47.68
N TRP A 5 14.69 -0.87 -47.72
CA TRP A 5 13.92 -0.27 -48.79
C TRP A 5 14.76 -0.36 -50.06
N ARG A 6 14.15 -0.83 -51.16
CA ARG A 6 14.88 -1.02 -52.41
C ARG A 6 14.88 0.25 -53.26
N LYS A 7 14.37 1.34 -52.68
CA LYS A 7 14.32 2.63 -53.35
C LYS A 7 14.87 3.71 -52.42
N HIS A 8 15.14 4.89 -52.97
CA HIS A 8 15.76 5.96 -52.20
C HIS A 8 14.79 7.10 -51.89
N TYR A 9 13.70 7.18 -52.64
CA TYR A 9 12.68 8.18 -52.38
C TYR A 9 11.51 7.57 -51.60
N ILE A 10 11.44 7.91 -50.32
CA ILE A 10 10.51 7.25 -49.41
C ILE A 10 9.52 8.26 -48.84
N THR A 11 8.23 7.96 -48.93
CA THR A 11 7.22 8.88 -48.45
C THR A 11 6.74 8.50 -47.04
N TYR A 12 6.36 9.50 -46.25
CA TYR A 12 5.64 9.24 -45.01
C TYR A 12 4.37 10.06 -44.93
N ARG A 13 3.42 9.58 -44.14
CA ARG A 13 2.21 10.32 -43.82
C ARG A 13 1.94 10.28 -42.33
N ILE A 14 1.60 11.43 -41.77
CA ILE A 14 1.17 11.44 -40.40
C ILE A 14 -0.33 11.11 -40.36
N ASN A 15 -0.64 9.89 -39.94
CA ASN A 15 -2.02 9.39 -39.89
C ASN A 15 -2.96 10.24 -39.04
N ASN A 16 -2.49 10.54 -37.83
CA ASN A 16 -3.27 11.26 -36.83
C ASN A 16 -2.32 11.95 -35.87
N TYR A 17 -2.84 12.89 -35.09
CA TYR A 17 -2.02 13.71 -34.21
C TYR A 17 -2.27 13.45 -32.73
N THR A 18 -1.24 13.60 -31.92
CA THR A 18 -1.41 13.49 -30.47
C THR A 18 -1.97 14.81 -29.92
N PRO A 19 -2.90 14.73 -28.97
CA PRO A 19 -3.36 15.99 -28.36
C PRO A 19 -2.33 16.57 -27.39
N ASP A 20 -1.25 15.84 -27.11
CA ASP A 20 -0.27 16.33 -26.14
C ASP A 20 0.52 17.51 -26.67
N MET A 21 0.54 17.70 -27.98
CA MET A 21 1.38 18.74 -28.58
C MET A 21 0.60 19.49 -29.63
N ASN A 22 1.05 20.69 -29.97
CA ASN A 22 0.53 21.40 -31.14
C ASN A 22 0.82 20.62 -32.42
N ARG A 23 -0.08 20.74 -33.39
CA ARG A 23 0.05 20.03 -34.65
C ARG A 23 1.33 20.43 -35.40
N GLU A 24 1.66 21.71 -35.33
CA GLU A 24 2.89 22.24 -35.94
C GLU A 24 4.11 21.63 -35.26
N ASP A 25 4.05 21.47 -33.94
CA ASP A 25 5.15 20.83 -33.22
C ASP A 25 5.34 19.37 -33.62
N VAL A 26 4.23 18.68 -33.85
CA VAL A 26 4.29 17.28 -34.22
C VAL A 26 4.90 17.15 -35.61
N ASP A 27 4.43 17.97 -36.55
CA ASP A 27 4.99 17.97 -37.90
C ASP A 27 6.50 18.18 -37.85
N TYR A 28 6.92 19.15 -37.05
CA TYR A 28 8.32 19.55 -36.98
C TYR A 28 9.19 18.44 -36.40
N ALA A 29 8.74 17.84 -35.30
CA ALA A 29 9.50 16.78 -34.67
C ALA A 29 9.68 15.62 -35.64
N ILE A 30 8.61 15.30 -36.36
CA ILE A 30 8.68 14.18 -37.29
C ILE A 30 9.59 14.51 -38.47
N ARG A 31 9.46 15.72 -38.99
CA ARG A 31 10.31 16.14 -40.11
C ARG A 31 11.81 16.12 -39.74
N LYS A 32 12.15 16.65 -38.57
CA LYS A 32 13.54 16.65 -38.10
C LYS A 32 14.06 15.24 -37.91
N ALA A 33 13.20 14.35 -37.43
CA ALA A 33 13.62 12.97 -37.17
C ALA A 33 14.01 12.24 -38.46
N PHE A 34 13.25 12.47 -39.54
CA PHE A 34 13.63 11.91 -40.83
C PHE A 34 14.92 12.54 -41.35
N GLN A 35 15.10 13.82 -41.05
CA GLN A 35 16.27 14.57 -41.51
C GLN A 35 17.56 14.01 -40.91
N VAL A 36 17.46 13.52 -39.68
CA VAL A 36 18.58 12.89 -39.00
C VAL A 36 19.12 11.75 -39.85
N TRP A 37 18.22 10.99 -40.44
CA TRP A 37 18.60 9.82 -41.18
C TRP A 37 18.93 10.14 -42.65
N SER A 38 18.21 11.07 -43.25
CA SER A 38 18.56 11.48 -44.63
C SER A 38 19.92 12.19 -44.68
N ASN A 39 20.33 12.78 -43.57
CA ASN A 39 21.63 13.45 -43.48
C ASN A 39 22.84 12.51 -43.62
N VAL A 40 22.66 11.22 -43.32
CA VAL A 40 23.78 10.29 -43.36
C VAL A 40 23.60 9.17 -44.39
N THR A 41 22.57 9.26 -45.23
CA THR A 41 22.29 8.22 -46.21
C THR A 41 21.87 8.82 -47.56
N PRO A 42 21.76 7.98 -48.60
CA PRO A 42 21.20 8.49 -49.86
C PRO A 42 19.68 8.74 -49.79
N LEU A 43 19.04 8.43 -48.67
CA LEU A 43 17.58 8.46 -48.62
C LEU A 43 17.00 9.88 -48.62
N LYS A 44 15.91 10.04 -49.35
CA LYS A 44 15.15 11.27 -49.32
C LYS A 44 13.76 10.93 -48.76
N PHE A 45 13.24 11.78 -47.87
CA PHE A 45 11.96 11.50 -47.23
C PHE A 45 11.01 12.62 -47.59
N SER A 46 9.78 12.29 -47.93
CA SER A 46 8.84 13.30 -48.39
C SER A 46 7.46 13.10 -47.76
N LYS A 47 6.92 14.16 -47.18
CA LYS A 47 5.64 14.09 -46.49
C LYS A 47 4.49 14.20 -47.48
N ILE A 48 3.55 13.29 -47.31
CA ILE A 48 2.43 13.14 -48.20
C ILE A 48 1.17 13.31 -47.36
N ASN A 49 0.16 13.99 -47.90
CA ASN A 49 -1.07 14.24 -47.16
C ASN A 49 -2.25 13.46 -47.74
N THR A 50 -2.00 12.74 -48.82
CA THR A 50 -3.05 12.01 -49.48
C THR A 50 -2.41 10.81 -50.15
N GLY A 51 -3.20 9.77 -50.37
CA GLY A 51 -2.67 8.57 -50.97
C GLY A 51 -1.99 7.76 -49.90
N MET A 52 -1.30 6.70 -50.30
CA MET A 52 -0.67 5.85 -49.32
C MET A 52 0.83 6.00 -49.32
N ALA A 53 1.35 6.40 -48.17
CA ALA A 53 2.78 6.54 -47.97
C ALA A 53 3.42 5.21 -47.58
N ASP A 54 4.73 5.11 -47.80
CA ASP A 54 5.53 3.97 -47.40
C ASP A 54 5.57 3.81 -45.87
N ILE A 55 5.68 4.93 -45.17
CA ILE A 55 5.84 4.95 -43.73
C ILE A 55 4.69 5.74 -43.13
N LEU A 56 3.78 5.05 -42.47
CA LEU A 56 2.66 5.72 -41.82
C LEU A 56 3.02 5.98 -40.35
N VAL A 57 2.79 7.20 -39.89
CA VAL A 57 3.05 7.55 -38.51
C VAL A 57 1.71 7.57 -37.77
N VAL A 58 1.57 6.73 -36.74
CA VAL A 58 0.30 6.58 -36.02
C VAL A 58 0.41 6.76 -34.49
N PHE A 59 -0.51 7.52 -33.91
CA PHE A 59 -0.70 7.52 -32.46
C PHE A 59 -1.86 6.60 -32.08
N ALA A 60 -1.62 5.68 -31.16
CA ALA A 60 -2.63 4.72 -30.72
C ALA A 60 -2.37 4.27 -29.29
N ARG A 61 -3.38 3.67 -28.66
N ARG A 61 -3.38 3.66 -28.66
CA ARG A 61 -3.20 3.10 -27.32
CA ARG A 61 -3.22 3.11 -27.31
C ARG A 61 -3.75 1.68 -27.26
C ARG A 61 -3.76 1.69 -27.25
N GLY A 62 -3.27 0.92 -26.29
CA GLY A 62 -3.72 -0.45 -26.08
C GLY A 62 -3.63 -1.32 -27.33
N ALA A 63 -4.64 -2.16 -27.51
CA ALA A 63 -4.81 -2.98 -28.70
C ALA A 63 -5.23 -2.09 -29.86
N HIS A 64 -4.38 -1.98 -30.86
CA HIS A 64 -4.65 -1.05 -31.94
C HIS A 64 -4.51 -1.71 -33.32
N GLY A 65 -4.68 -3.03 -33.34
CA GLY A 65 -4.89 -3.74 -34.58
C GLY A 65 -3.71 -4.51 -35.17
N ASP A 66 -2.64 -4.71 -34.40
CA ASP A 66 -1.45 -5.33 -34.99
C ASP A 66 -0.70 -6.35 -34.14
N ASP A 67 -1.38 -6.99 -33.20
CA ASP A 67 -0.75 -8.05 -32.41
C ASP A 67 0.37 -7.55 -31.48
N HIS A 68 0.54 -6.24 -31.37
CA HIS A 68 1.48 -5.67 -30.42
C HIS A 68 0.85 -4.54 -29.65
N ALA A 69 0.04 -4.89 -28.67
CA ALA A 69 -0.75 -3.92 -27.93
C ALA A 69 0.13 -3.02 -27.07
N PHE A 70 -0.22 -1.75 -26.97
CA PHE A 70 0.49 -0.86 -26.08
C PHE A 70 0.05 -1.09 -24.61
N ASP A 71 0.71 -0.44 -23.67
CA ASP A 71 0.59 -0.86 -22.29
C ASP A 71 0.21 0.21 -21.28
N GLY A 72 -0.47 1.27 -21.70
CA GLY A 72 -0.82 2.33 -20.76
C GLY A 72 0.40 3.22 -20.53
N LYS A 73 0.31 4.20 -19.63
CA LYS A 73 1.42 5.12 -19.42
C LYS A 73 2.70 4.43 -18.94
N GLY A 74 3.84 4.83 -19.53
CA GLY A 74 5.11 4.19 -19.23
C GLY A 74 5.30 2.89 -19.97
N GLY A 75 6.33 2.13 -19.59
CA GLY A 75 6.64 0.87 -20.25
C GLY A 75 7.03 1.10 -21.70
N ILE A 76 6.55 0.21 -22.58
CA ILE A 76 6.69 0.35 -24.02
C ILE A 76 6.21 1.73 -24.48
N LEU A 77 7.07 2.48 -25.16
CA LEU A 77 6.70 3.81 -25.66
C LEU A 77 6.17 3.79 -27.10
N ALA A 78 6.75 2.92 -27.92
CA ALA A 78 6.55 2.99 -29.36
C ALA A 78 7.11 1.75 -30.01
N HIS A 79 6.65 1.47 -31.23
CA HIS A 79 7.24 0.41 -32.02
C HIS A 79 7.12 0.73 -33.51
N ALA A 80 7.93 0.07 -34.32
CA ALA A 80 7.88 0.28 -35.77
C ALA A 80 8.22 -1.00 -36.52
N PHE A 81 7.63 -1.16 -37.69
CA PHE A 81 7.86 -2.34 -38.52
C PHE A 81 8.97 -2.09 -39.52
N GLY A 82 9.79 -3.11 -39.76
CA GLY A 82 10.85 -3.05 -40.76
C GLY A 82 10.33 -2.86 -42.18
N PRO A 83 11.23 -2.48 -43.11
CA PRO A 83 10.86 -2.20 -44.50
C PRO A 83 10.03 -3.32 -45.10
N GLY A 84 8.98 -2.95 -45.82
CA GLY A 84 8.06 -3.93 -46.36
C GLY A 84 6.79 -3.27 -46.86
N SER A 85 5.96 -4.04 -47.54
CA SER A 85 4.66 -3.55 -48.01
C SER A 85 3.67 -3.48 -46.85
N GLY A 86 2.56 -2.78 -47.08
CA GLY A 86 1.50 -2.69 -46.09
C GLY A 86 1.97 -1.99 -44.82
N ILE A 87 1.87 -2.67 -43.69
CA ILE A 87 2.20 -2.08 -42.41
C ILE A 87 3.72 -1.96 -42.23
N GLY A 88 4.47 -2.59 -43.13
CA GLY A 88 5.93 -2.47 -43.10
C GLY A 88 6.33 -1.01 -43.14
N GLY A 89 7.32 -0.63 -42.33
CA GLY A 89 7.81 0.74 -42.28
C GLY A 89 7.03 1.63 -41.33
N ASP A 90 5.79 1.25 -40.99
CA ASP A 90 4.96 2.08 -40.13
C ASP A 90 5.47 2.20 -38.69
N ALA A 91 5.32 3.41 -38.15
CA ALA A 91 5.76 3.74 -36.81
C ALA A 91 4.55 4.06 -35.95
N HIS A 92 4.47 3.39 -34.81
CA HIS A 92 3.33 3.59 -33.91
C HIS A 92 3.81 4.08 -32.56
N PHE A 93 3.12 5.10 -32.06
CA PHE A 93 3.48 5.76 -30.81
C PHE A 93 2.34 5.58 -29.79
N ASP A 94 2.70 5.14 -28.58
CA ASP A 94 1.72 4.92 -27.52
C ASP A 94 1.09 6.24 -27.07
N GLU A 95 -0.19 6.44 -27.36
CA GLU A 95 -0.84 7.70 -26.96
C GLU A 95 -0.98 7.85 -25.45
N ASP A 96 -0.80 6.75 -24.72
CA ASP A 96 -0.81 6.83 -23.27
C ASP A 96 0.46 7.45 -22.72
N GLU A 97 1.47 7.66 -23.58
CA GLU A 97 2.61 8.46 -23.18
C GLU A 97 2.21 9.92 -23.31
N PHE A 98 2.95 10.80 -22.64
CA PHE A 98 2.76 12.23 -22.79
C PHE A 98 3.88 12.78 -23.67
N TRP A 99 3.57 13.08 -24.92
CA TRP A 99 4.57 13.45 -25.92
C TRP A 99 4.90 14.93 -25.80
N THR A 100 6.20 15.27 -25.84
CA THR A 100 6.65 16.64 -25.60
C THR A 100 7.68 17.12 -26.61
N THR A 101 7.70 18.44 -26.84
CA THR A 101 8.66 19.05 -27.75
C THR A 101 10.06 19.05 -27.14
N HIS A 102 10.12 19.08 -25.81
CA HIS A 102 11.38 18.94 -25.09
C HIS A 102 11.32 17.81 -24.06
N SER A 103 11.74 18.04 -22.82
CA SER A 103 11.66 16.95 -21.83
C SER A 103 10.42 17.07 -20.96
N GLY A 104 10.40 16.38 -19.81
CA GLY A 104 9.24 16.46 -18.94
C GLY A 104 8.05 15.69 -19.46
N GLY A 105 8.34 14.68 -20.27
CA GLY A 105 7.35 13.79 -20.83
C GLY A 105 8.19 12.83 -21.63
N THR A 106 7.66 12.31 -22.74
CA THR A 106 8.49 11.53 -23.63
C THR A 106 8.71 12.37 -24.87
N ASN A 107 9.99 12.67 -25.15
CA ASN A 107 10.28 13.54 -26.27
C ASN A 107 9.93 12.84 -27.58
N LEU A 108 9.05 13.46 -28.36
CA LEU A 108 8.60 12.84 -29.61
C LEU A 108 9.73 12.76 -30.66
N PHE A 109 10.48 13.84 -30.84
CA PHE A 109 11.64 13.84 -31.76
C PHE A 109 12.59 12.64 -31.56
N LEU A 110 13.13 12.51 -30.36
CA LEU A 110 14.06 11.43 -30.04
C LEU A 110 13.48 10.05 -30.30
N THR A 111 12.23 9.85 -29.90
CA THR A 111 11.57 8.56 -30.08
C THR A 111 11.34 8.28 -31.57
N ALA A 112 10.94 9.30 -32.31
CA ALA A 112 10.76 9.17 -33.75
C ALA A 112 12.07 8.79 -34.46
N VAL A 113 13.20 9.35 -34.01
CA VAL A 113 14.50 8.98 -34.59
C VAL A 113 14.76 7.49 -34.36
N HIS A 114 14.56 7.06 -33.11
CA HIS A 114 14.69 5.65 -32.79
C HIS A 114 13.78 4.80 -33.66
N GLU A 115 12.50 5.15 -33.71
CA GLU A 115 11.54 4.36 -34.47
C GLU A 115 11.81 4.36 -35.98
N ILE A 116 12.18 5.51 -36.55
CA ILE A 116 12.49 5.57 -37.98
C ILE A 116 13.68 4.67 -38.32
N GLY A 117 14.67 4.61 -37.43
CA GLY A 117 15.72 3.63 -37.55
C GLY A 117 15.19 2.22 -37.80
N HIS A 118 14.19 1.83 -37.03
CA HIS A 118 13.51 0.55 -37.25
C HIS A 118 12.83 0.49 -38.62
N SER A 119 12.02 1.51 -38.91
CA SER A 119 11.36 1.65 -40.22
C SER A 119 12.31 1.50 -41.40
N LEU A 120 13.56 1.93 -41.22
CA LEU A 120 14.60 1.82 -42.26
C LEU A 120 15.37 0.49 -42.23
N GLY A 121 15.17 -0.32 -41.19
CA GLY A 121 15.76 -1.65 -41.14
C GLY A 121 16.80 -1.89 -40.07
N LEU A 122 17.01 -0.92 -39.17
CA LEU A 122 17.96 -1.14 -38.07
C LEU A 122 17.34 -1.93 -36.93
N GLY A 123 18.16 -2.76 -36.28
CA GLY A 123 17.77 -3.39 -35.03
C GLY A 123 18.34 -2.56 -33.90
N HIS A 124 18.41 -3.14 -32.71
CA HIS A 124 18.97 -2.42 -31.57
C HIS A 124 20.50 -2.51 -31.49
N SER A 125 21.10 -1.48 -30.91
CA SER A 125 22.52 -1.44 -30.71
C SER A 125 22.88 -1.83 -29.29
N SER A 126 23.99 -2.54 -29.11
CA SER A 126 24.51 -2.79 -27.76
C SER A 126 25.25 -1.57 -27.17
N ASP A 127 25.50 -0.56 -28.01
CA ASP A 127 26.23 0.64 -27.59
C ASP A 127 25.29 1.66 -26.97
N PRO A 128 25.51 1.99 -25.68
CA PRO A 128 24.66 2.93 -24.93
C PRO A 128 24.71 4.36 -25.44
N LYS A 129 25.69 4.68 -26.29
CA LYS A 129 25.74 6.01 -26.89
C LYS A 129 24.82 6.10 -28.13
N ALA A 130 24.39 4.96 -28.65
CA ALA A 130 23.65 4.94 -29.89
C ALA A 130 22.17 5.22 -29.66
N VAL A 131 21.56 5.91 -30.61
CA VAL A 131 20.13 6.21 -30.53
C VAL A 131 19.32 4.92 -30.70
N MET A 132 19.94 3.92 -31.33
CA MET A 132 19.30 2.61 -31.45
C MET A 132 19.48 1.74 -30.20
N PHE A 133 20.12 2.25 -29.17
CA PHE A 133 20.17 1.53 -27.90
C PHE A 133 18.76 1.62 -27.30
N PRO A 134 18.25 0.49 -26.79
CA PRO A 134 16.80 0.44 -26.51
C PRO A 134 16.39 0.99 -25.15
N THR A 135 17.06 2.02 -24.66
CA THR A 135 16.54 2.74 -23.51
C THR A 135 16.35 4.21 -23.82
N TYR A 136 15.22 4.77 -23.41
CA TYR A 136 14.98 6.19 -23.60
C TYR A 136 15.81 7.03 -22.63
N LYS A 137 16.54 8.01 -23.17
CA LYS A 137 17.20 9.01 -22.36
C LYS A 137 17.06 10.38 -23.03
N TYR A 138 16.64 11.39 -22.28
CA TYR A 138 16.49 12.70 -22.87
C TYR A 138 17.85 13.34 -23.12
N VAL A 139 18.07 13.80 -24.34
CA VAL A 139 19.15 14.75 -24.60
C VAL A 139 18.57 15.92 -25.35
N ASP A 140 19.12 17.09 -25.10
CA ASP A 140 18.63 18.28 -25.78
C ASP A 140 18.67 18.11 -27.27
N ILE A 141 17.56 18.46 -27.89
CA ILE A 141 17.32 18.25 -29.30
C ILE A 141 18.38 18.94 -30.15
N ASN A 142 18.81 20.12 -29.72
CA ASN A 142 19.82 20.87 -30.46
C ASN A 142 21.17 20.20 -30.43
N THR A 143 21.45 19.48 -29.34
CA THR A 143 22.77 18.87 -29.18
C THR A 143 22.79 17.39 -29.56
N PHE A 144 21.65 16.85 -29.93
CA PHE A 144 21.59 15.43 -30.29
C PHE A 144 22.31 15.14 -31.62
N ARG A 145 23.10 14.07 -31.62
CA ARG A 145 23.80 13.60 -32.82
C ARG A 145 23.72 12.09 -32.82
N LEU A 146 23.58 11.48 -34.00
CA LEU A 146 23.76 10.04 -34.13
C LEU A 146 25.17 9.67 -33.68
N SER A 147 25.32 8.47 -33.10
CA SER A 147 26.63 8.00 -32.68
C SER A 147 27.31 7.26 -33.83
N ALA A 148 28.59 6.94 -33.65
CA ALA A 148 29.35 6.25 -34.68
C ALA A 148 28.66 4.94 -35.08
N ASP A 149 28.16 4.22 -34.08
CA ASP A 149 27.52 2.93 -34.29
C ASP A 149 26.19 3.04 -35.06
N ASP A 150 25.40 4.06 -34.75
CA ASP A 150 24.21 4.37 -35.54
C ASP A 150 24.52 4.54 -37.02
N ILE A 151 25.46 5.42 -37.33
CA ILE A 151 25.84 5.71 -38.72
C ILE A 151 26.39 4.47 -39.44
N ARG A 152 27.24 3.72 -38.75
CA ARG A 152 27.84 2.50 -39.29
C ARG A 152 26.72 1.51 -39.60
N GLY A 153 25.75 1.44 -38.70
CA GLY A 153 24.57 0.61 -38.91
C GLY A 153 23.80 0.96 -40.16
N ILE A 154 23.47 2.24 -40.34
CA ILE A 154 22.60 2.66 -41.45
C ILE A 154 23.36 2.71 -42.78
N GLN A 155 24.64 3.07 -42.73
CA GLN A 155 25.42 3.12 -43.96
C GLN A 155 25.73 1.73 -44.50
N SER A 156 25.68 0.71 -43.64
CA SER A 156 25.88 -0.66 -44.09
C SER A 156 24.62 -1.18 -44.78
N LEU A 157 23.51 -0.49 -44.58
CA LEU A 157 22.27 -0.90 -45.22
C LEU A 157 22.06 -0.14 -46.55
N TYR A 158 22.46 1.11 -46.57
CA TYR A 158 22.09 1.99 -47.68
C TYR A 158 23.28 2.67 -48.34
N GLY A 159 24.49 2.27 -47.98
CA GLY A 159 25.69 2.92 -48.45
C GLY A 159 25.99 4.16 -47.61
N MET B 1 24.23 -23.71 -20.38
CA MET B 1 23.48 -22.93 -19.40
C MET B 1 24.42 -22.06 -18.57
N GLY B 2 23.93 -20.89 -18.16
CA GLY B 2 24.70 -19.99 -17.35
C GLY B 2 24.81 -20.53 -15.94
N PRO B 3 25.72 -19.95 -15.13
CA PRO B 3 25.91 -20.43 -13.76
C PRO B 3 24.66 -20.22 -12.91
N VAL B 4 24.57 -21.00 -11.83
CA VAL B 4 23.52 -20.83 -10.85
C VAL B 4 24.17 -20.84 -9.48
N TRP B 5 23.42 -20.55 -8.42
CA TRP B 5 23.95 -20.72 -7.08
C TRP B 5 23.97 -22.20 -6.76
N ARG B 6 25.03 -22.66 -6.10
CA ARG B 6 25.15 -24.07 -5.80
C ARG B 6 24.54 -24.37 -4.44
N LYS B 7 24.50 -23.36 -3.59
CA LYS B 7 23.89 -23.47 -2.26
C LYS B 7 22.51 -22.81 -2.21
N HIS B 8 21.81 -23.00 -1.09
CA HIS B 8 20.42 -22.57 -0.95
C HIS B 8 20.22 -21.41 0.03
N TYR B 9 21.17 -21.22 0.94
CA TYR B 9 21.14 -20.09 1.86
C TYR B 9 22.02 -18.97 1.31
N ILE B 10 21.37 -17.97 0.72
CA ILE B 10 22.08 -16.90 0.05
C ILE B 10 21.97 -15.64 0.88
N THR B 11 23.08 -14.92 1.00
CA THR B 11 23.07 -13.69 1.76
C THR B 11 23.24 -12.48 0.89
N TYR B 12 22.65 -11.38 1.33
CA TYR B 12 22.89 -10.11 0.69
C TYR B 12 23.27 -9.09 1.74
N ARG B 13 24.00 -8.08 1.30
CA ARG B 13 24.32 -6.95 2.14
C ARG B 13 24.14 -5.67 1.35
N ILE B 14 23.59 -4.65 1.98
CA ILE B 14 23.44 -3.36 1.34
C ILE B 14 24.68 -2.53 1.64
N ASN B 15 25.47 -2.26 0.59
CA ASN B 15 26.76 -1.61 0.73
C ASN B 15 26.65 -0.14 1.13
N ASN B 16 25.82 0.62 0.41
CA ASN B 16 25.53 2.00 0.76
C ASN B 16 24.07 2.29 0.45
N TYR B 17 23.55 3.38 1.01
CA TYR B 17 22.15 3.73 0.80
C TYR B 17 22.00 4.95 -0.09
N THR B 18 20.97 4.94 -0.93
CA THR B 18 20.60 6.12 -1.69
C THR B 18 19.99 7.14 -0.72
N PRO B 19 20.38 8.42 -0.86
CA PRO B 19 19.74 9.45 -0.02
C PRO B 19 18.31 9.75 -0.45
N ASP B 20 17.92 9.32 -1.65
CA ASP B 20 16.56 9.56 -2.17
C ASP B 20 15.45 9.00 -1.27
N MET B 21 15.79 8.00 -0.45
CA MET B 21 14.80 7.33 0.38
C MET B 21 15.25 7.21 1.84
N ASN B 22 14.30 7.02 2.75
CA ASN B 22 14.64 6.65 4.12
C ASN B 22 15.43 5.36 4.04
N ARG B 23 16.48 5.25 4.86
CA ARG B 23 17.31 4.06 4.94
C ARG B 23 16.48 2.77 5.07
N GLU B 24 15.36 2.89 5.76
CA GLU B 24 14.56 1.74 6.10
C GLU B 24 13.52 1.41 5.03
N ASP B 25 13.17 2.40 4.23
CA ASP B 25 12.31 2.14 3.07
C ASP B 25 13.09 1.37 2.01
N VAL B 26 14.41 1.56 2.01
CA VAL B 26 15.33 0.82 1.14
C VAL B 26 15.45 -0.63 1.58
N ASP B 27 15.69 -0.85 2.88
CA ASP B 27 15.68 -2.20 3.44
C ASP B 27 14.39 -2.92 3.10
N TYR B 28 13.26 -2.24 3.32
CA TYR B 28 11.96 -2.83 3.07
C TYR B 28 11.79 -3.24 1.61
N ALA B 29 12.13 -2.32 0.69
CA ALA B 29 11.97 -2.58 -0.73
C ALA B 29 12.86 -3.75 -1.15
N ILE B 30 14.11 -3.74 -0.71
CA ILE B 30 15.03 -4.82 -1.02
C ILE B 30 14.55 -6.16 -0.47
N ARG B 31 14.17 -6.18 0.80
CA ARG B 31 13.67 -7.40 1.45
C ARG B 31 12.47 -7.98 0.73
N LYS B 32 11.52 -7.13 0.37
CA LYS B 32 10.32 -7.56 -0.36
C LYS B 32 10.69 -8.10 -1.75
N ALA B 33 11.74 -7.54 -2.34
CA ALA B 33 12.18 -7.96 -3.68
C ALA B 33 12.72 -9.38 -3.63
N PHE B 34 13.50 -9.68 -2.60
CA PHE B 34 14.00 -11.04 -2.41
C PHE B 34 12.85 -12.02 -2.14
N GLN B 35 11.84 -11.55 -1.43
CA GLN B 35 10.72 -12.39 -1.06
C GLN B 35 9.97 -12.89 -2.30
N VAL B 36 9.89 -12.03 -3.32
CA VAL B 36 9.27 -12.38 -4.59
C VAL B 36 9.87 -13.67 -5.19
N TRP B 37 11.19 -13.73 -5.21
CA TRP B 37 11.94 -14.88 -5.71
C TRP B 37 12.04 -16.09 -4.77
N SER B 38 12.15 -15.87 -3.46
CA SER B 38 12.20 -17.02 -2.55
C SER B 38 10.84 -17.72 -2.52
N ASN B 39 9.78 -16.99 -2.81
CA ASN B 39 8.45 -17.57 -2.82
C ASN B 39 8.33 -18.65 -3.90
N VAL B 40 9.07 -18.51 -5.00
CA VAL B 40 8.95 -19.46 -6.09
C VAL B 40 10.18 -20.33 -6.29
N THR B 41 11.10 -20.27 -5.33
CA THR B 41 12.32 -21.07 -5.38
C THR B 41 12.63 -21.72 -4.02
N PRO B 42 13.55 -22.70 -3.99
CA PRO B 42 14.04 -23.25 -2.71
C PRO B 42 14.96 -22.28 -1.99
N LEU B 43 15.47 -21.28 -2.69
CA LEU B 43 16.43 -20.33 -2.13
C LEU B 43 15.86 -19.56 -0.93
N LYS B 44 16.73 -19.24 0.03
CA LYS B 44 16.36 -18.37 1.14
C LYS B 44 17.39 -17.24 1.20
N PHE B 45 16.93 -16.03 1.52
CA PHE B 45 17.80 -14.87 1.51
C PHE B 45 17.86 -14.23 2.87
N SER B 46 19.08 -13.93 3.31
CA SER B 46 19.28 -13.29 4.61
C SER B 46 20.15 -12.05 4.46
N LYS B 47 19.74 -10.97 5.11
CA LYS B 47 20.50 -9.74 5.11
C LYS B 47 21.56 -9.83 6.18
N ILE B 48 22.79 -9.46 5.84
CA ILE B 48 23.82 -9.27 6.85
C ILE B 48 24.33 -7.84 6.79
N ASN B 49 24.77 -7.31 7.92
CA ASN B 49 25.24 -5.93 7.99
C ASN B 49 26.75 -5.76 7.98
N THR B 50 27.50 -6.87 8.08
CA THR B 50 28.95 -6.86 7.94
C THR B 50 29.40 -8.22 7.45
N GLY B 51 30.66 -8.32 7.06
CA GLY B 51 31.20 -9.56 6.53
C GLY B 51 30.89 -9.69 5.06
N MET B 52 31.42 -10.75 4.46
CA MET B 52 31.21 -11.02 3.04
C MET B 52 29.85 -11.61 2.78
N ALA B 53 29.13 -11.05 1.80
CA ALA B 53 27.82 -11.59 1.40
C ALA B 53 27.89 -12.12 -0.02
N ASP B 54 26.88 -12.89 -0.42
CA ASP B 54 26.81 -13.40 -1.79
C ASP B 54 26.39 -12.28 -2.75
N ILE B 55 25.35 -11.54 -2.38
CA ILE B 55 24.87 -10.46 -3.22
C ILE B 55 25.11 -9.11 -2.55
N LEU B 56 26.03 -8.34 -3.10
CA LEU B 56 26.24 -7.01 -2.55
C LEU B 56 25.33 -6.07 -3.32
N VAL B 57 24.57 -5.26 -2.59
CA VAL B 57 23.69 -4.26 -3.22
C VAL B 57 24.36 -2.89 -3.18
N VAL B 58 24.57 -2.27 -4.34
CA VAL B 58 25.28 -1.00 -4.42
C VAL B 58 24.48 0.09 -5.13
N PHE B 59 24.52 1.29 -4.56
CA PHE B 59 24.12 2.47 -5.31
C PHE B 59 25.38 3.24 -5.70
N ALA B 60 25.60 3.35 -7.01
CA ALA B 60 26.73 4.10 -7.55
C ALA B 60 26.29 4.95 -8.74
N ARG B 61 27.15 5.88 -9.15
CA ARG B 61 26.85 6.73 -10.31
C ARG B 61 28.04 6.76 -11.25
N GLY B 62 27.75 6.85 -12.55
CA GLY B 62 28.79 6.89 -13.57
C GLY B 62 29.61 5.62 -13.61
N ALA B 63 30.92 5.78 -13.80
CA ALA B 63 31.87 4.68 -13.70
C ALA B 63 32.12 4.40 -12.22
N HIS B 64 32.09 3.12 -11.85
CA HIS B 64 32.16 2.74 -10.45
C HIS B 64 32.92 1.44 -10.24
N GLY B 65 33.72 1.07 -11.24
CA GLY B 65 34.69 0.00 -11.08
C GLY B 65 34.31 -1.38 -11.56
N ASP B 66 33.57 -1.47 -12.67
CA ASP B 66 33.21 -2.79 -13.18
C ASP B 66 33.03 -2.89 -14.70
N ASP B 67 33.52 -1.88 -15.42
CA ASP B 67 33.52 -1.85 -16.89
C ASP B 67 32.16 -1.54 -17.51
N HIS B 68 31.16 -1.34 -16.66
CA HIS B 68 29.83 -0.99 -17.15
C HIS B 68 29.36 0.24 -16.42
N ALA B 69 29.84 1.39 -16.89
CA ALA B 69 29.54 2.66 -16.24
C ALA B 69 28.08 3.03 -16.44
N PHE B 70 27.52 3.75 -15.48
CA PHE B 70 26.17 4.28 -15.65
C PHE B 70 26.21 5.55 -16.49
N ASP B 71 25.04 6.07 -16.86
CA ASP B 71 24.93 7.14 -17.85
C ASP B 71 24.22 8.38 -17.37
N GLY B 72 24.22 8.64 -16.07
CA GLY B 72 23.52 9.81 -15.56
C GLY B 72 22.03 9.57 -15.52
N LYS B 73 21.25 10.61 -15.27
CA LYS B 73 19.81 10.50 -15.13
C LYS B 73 19.13 9.93 -16.38
N GLY B 74 18.18 9.03 -16.17
CA GLY B 74 17.44 8.42 -17.26
C GLY B 74 18.24 7.31 -17.90
N GLY B 75 17.74 6.77 -19.01
CA GLY B 75 18.42 5.68 -19.67
C GLY B 75 18.51 4.44 -18.78
N ILE B 76 19.69 3.85 -18.75
CA ILE B 76 19.98 2.70 -17.88
C ILE B 76 19.61 2.95 -16.42
N LEU B 77 18.96 1.98 -15.79
CA LEU B 77 18.52 2.12 -14.41
C LEU B 77 19.43 1.37 -13.42
N ALA B 78 19.87 0.18 -13.82
CA ALA B 78 20.59 -0.71 -12.91
C ALA B 78 21.15 -1.87 -13.72
N HIS B 79 22.03 -2.65 -13.11
CA HIS B 79 22.50 -3.89 -13.71
C HIS B 79 22.99 -4.86 -12.63
N ALA B 80 23.03 -6.13 -12.98
CA ALA B 80 23.41 -7.16 -12.02
C ALA B 80 24.16 -8.30 -12.68
N PHE B 81 25.10 -8.87 -11.94
CA PHE B 81 25.91 -9.98 -12.44
C PHE B 81 25.31 -11.31 -12.04
N GLY B 82 25.42 -12.29 -12.93
CA GLY B 82 24.96 -13.64 -12.64
C GLY B 82 25.73 -14.30 -11.49
N PRO B 83 25.22 -15.45 -11.03
CA PRO B 83 25.79 -16.19 -9.89
C PRO B 83 27.29 -16.48 -10.06
N GLY B 84 27.99 -16.52 -8.94
CA GLY B 84 29.42 -16.73 -8.94
C GLY B 84 30.00 -15.98 -7.77
N SER B 85 31.27 -16.22 -7.46
CA SER B 85 31.88 -15.51 -6.33
C SER B 85 32.39 -14.15 -6.77
N GLY B 86 32.94 -13.41 -5.82
CA GLY B 86 33.40 -12.07 -6.09
C GLY B 86 32.24 -11.18 -6.50
N ILE B 87 32.37 -10.58 -7.68
CA ILE B 87 31.38 -9.63 -8.16
C ILE B 87 30.06 -10.32 -8.51
N GLY B 88 30.12 -11.64 -8.69
CA GLY B 88 28.95 -12.43 -9.05
C GLY B 88 27.79 -12.16 -8.12
N GLY B 89 26.59 -12.06 -8.68
CA GLY B 89 25.38 -11.79 -7.91
C GLY B 89 25.15 -10.34 -7.53
N ASP B 90 26.20 -9.53 -7.55
CA ASP B 90 26.08 -8.15 -7.05
C ASP B 90 25.09 -7.38 -7.91
N ALA B 91 24.40 -6.42 -7.28
CA ALA B 91 23.36 -5.64 -7.97
C ALA B 91 23.62 -4.14 -7.78
N HIS B 92 23.77 -3.45 -8.89
CA HIS B 92 24.17 -2.04 -8.85
C HIS B 92 23.05 -1.17 -9.37
N PHE B 93 22.67 -0.19 -8.58
CA PHE B 93 21.58 0.70 -8.94
C PHE B 93 22.15 2.08 -9.24
N ASP B 94 21.80 2.64 -10.39
CA ASP B 94 22.29 3.97 -10.79
C ASP B 94 21.81 5.08 -9.85
N GLU B 95 22.76 5.68 -9.13
CA GLU B 95 22.44 6.74 -8.18
C GLU B 95 21.88 8.00 -8.86
N ASP B 96 22.16 8.17 -10.15
CA ASP B 96 21.58 9.31 -10.85
C ASP B 96 20.06 9.18 -11.06
N GLU B 97 19.52 7.97 -10.91
CA GLU B 97 18.07 7.81 -10.92
C GLU B 97 17.51 8.30 -9.60
N PHE B 98 16.24 8.69 -9.59
CA PHE B 98 15.60 9.09 -8.36
C PHE B 98 14.73 7.94 -7.81
N TRP B 99 15.20 7.30 -6.75
CA TRP B 99 14.57 6.07 -6.25
C TRP B 99 13.39 6.34 -5.32
N THR B 100 12.28 5.65 -5.55
CA THR B 100 11.07 5.92 -4.77
C THR B 100 10.39 4.68 -4.22
N THR B 101 9.62 4.86 -3.16
CA THR B 101 8.86 3.76 -2.57
C THR B 101 7.66 3.49 -3.45
N HIS B 102 7.22 4.50 -4.19
CA HIS B 102 6.13 4.33 -5.13
C HIS B 102 6.54 4.82 -6.49
N SER B 103 5.69 5.63 -7.11
CA SER B 103 6.04 6.24 -8.39
C SER B 103 6.48 7.69 -8.14
N GLY B 104 6.55 8.48 -9.20
CA GLY B 104 7.13 9.80 -9.06
C GLY B 104 8.65 9.69 -9.03
N GLY B 105 9.14 8.59 -9.59
CA GLY B 105 10.56 8.31 -9.65
C GLY B 105 10.72 6.93 -10.27
N THR B 106 11.87 6.31 -10.06
CA THR B 106 12.04 4.90 -10.44
C THR B 106 11.79 4.04 -9.19
N ASN B 107 10.76 3.20 -9.24
CA ASN B 107 10.44 2.35 -8.09
C ASN B 107 11.57 1.36 -7.77
N LEU B 108 12.15 1.49 -6.58
CA LEU B 108 13.25 0.61 -6.18
C LEU B 108 12.83 -0.87 -6.11
N PHE B 109 11.65 -1.13 -5.55
CA PHE B 109 11.17 -2.51 -5.39
C PHE B 109 11.09 -3.26 -6.73
N LEU B 110 10.40 -2.69 -7.71
CA LEU B 110 10.24 -3.34 -9.00
C LEU B 110 11.59 -3.51 -9.69
N THR B 111 12.45 -2.52 -9.54
CA THR B 111 13.77 -2.59 -10.19
C THR B 111 14.67 -3.64 -9.54
N ALA B 112 14.63 -3.69 -8.21
CA ALA B 112 15.30 -4.76 -7.47
C ALA B 112 14.75 -6.16 -7.83
N VAL B 113 13.44 -6.29 -8.04
CA VAL B 113 12.93 -7.61 -8.48
C VAL B 113 13.59 -8.01 -9.81
N HIS B 114 13.66 -7.08 -10.75
CA HIS B 114 14.32 -7.31 -12.03
C HIS B 114 15.81 -7.67 -11.87
N GLU B 115 16.54 -6.93 -11.04
CA GLU B 115 17.99 -7.16 -10.92
C GLU B 115 18.29 -8.48 -10.21
N ILE B 116 17.50 -8.79 -9.19
CA ILE B 116 17.69 -10.04 -8.45
C ILE B 116 17.48 -11.20 -9.42
N GLY B 117 16.58 -11.01 -10.38
CA GLY B 117 16.39 -12.01 -11.43
C GLY B 117 17.71 -12.34 -12.11
N HIS B 118 18.48 -11.31 -12.41
CA HIS B 118 19.81 -11.47 -13.00
C HIS B 118 20.78 -12.14 -12.02
N SER B 119 20.76 -11.67 -10.77
CA SER B 119 21.59 -12.25 -9.71
C SER B 119 21.39 -13.75 -9.53
N LEU B 120 20.20 -14.23 -9.86
CA LEU B 120 19.85 -15.63 -9.67
C LEU B 120 20.10 -16.46 -10.93
N GLY B 121 20.53 -15.81 -12.01
CA GLY B 121 20.90 -16.51 -13.22
C GLY B 121 20.04 -16.25 -14.45
N LEU B 122 18.99 -15.43 -14.30
CA LEU B 122 18.06 -15.21 -15.40
C LEU B 122 18.52 -14.16 -16.42
N GLY B 123 18.18 -14.40 -17.68
CA GLY B 123 18.40 -13.41 -18.72
C GLY B 123 17.10 -12.68 -18.97
N HIS B 124 17.04 -11.89 -20.03
CA HIS B 124 15.83 -11.14 -20.33
C HIS B 124 14.75 -12.01 -20.95
N SER B 125 13.51 -11.54 -20.88
CA SER B 125 12.40 -12.27 -21.48
C SER B 125 11.79 -11.45 -22.62
N SER B 126 11.30 -12.12 -23.66
CA SER B 126 10.66 -11.44 -24.78
C SER B 126 9.16 -11.25 -24.52
N ASP B 127 8.71 -11.75 -23.37
CA ASP B 127 7.32 -11.63 -22.97
C ASP B 127 7.14 -10.35 -22.16
N PRO B 128 6.42 -9.36 -22.73
CA PRO B 128 6.19 -8.07 -22.06
C PRO B 128 5.57 -8.22 -20.68
N LYS B 129 4.80 -9.29 -20.46
CA LYS B 129 4.20 -9.54 -19.16
C LYS B 129 5.23 -9.89 -18.09
N ALA B 130 6.42 -10.32 -18.52
CA ALA B 130 7.45 -10.79 -17.59
C ALA B 130 8.16 -9.62 -16.92
N VAL B 131 8.57 -9.80 -15.66
CA VAL B 131 9.34 -8.78 -14.98
C VAL B 131 10.75 -8.77 -15.53
N MET B 132 11.15 -9.88 -16.15
CA MET B 132 12.45 -9.95 -16.83
C MET B 132 12.40 -9.36 -18.26
N PHE B 133 11.24 -8.89 -18.69
CA PHE B 133 11.18 -8.05 -19.90
C PHE B 133 11.89 -6.74 -19.57
N PRO B 134 12.90 -6.36 -20.39
CA PRO B 134 13.81 -5.25 -20.06
C PRO B 134 13.23 -3.84 -20.22
N THR B 135 11.98 -3.64 -19.83
CA THR B 135 11.39 -2.30 -19.85
C THR B 135 10.68 -1.98 -18.54
N TYR B 136 11.00 -0.83 -17.96
CA TYR B 136 10.38 -0.38 -16.71
C TYR B 136 8.95 0.11 -16.92
N LYS B 137 8.04 -0.37 -16.09
CA LYS B 137 6.70 0.20 -15.98
C LYS B 137 6.31 0.16 -14.52
N TYR B 138 5.80 1.27 -13.98
CA TYR B 138 5.37 1.26 -12.60
C TYR B 138 4.07 0.44 -12.46
N VAL B 139 4.01 -0.35 -11.40
CA VAL B 139 2.77 -1.01 -11.00
C VAL B 139 2.81 -1.00 -9.48
N ASP B 140 1.67 -0.77 -8.85
CA ASP B 140 1.60 -0.80 -7.39
C ASP B 140 2.18 -2.13 -6.87
N ILE B 141 3.02 -2.06 -5.84
CA ILE B 141 3.65 -3.27 -5.29
C ILE B 141 2.65 -4.36 -4.88
N ASN B 142 1.50 -3.96 -4.33
CA ASN B 142 0.47 -4.91 -3.96
C ASN B 142 -0.07 -5.70 -5.15
N THR B 143 -0.14 -5.07 -6.31
CA THR B 143 -0.70 -5.72 -7.49
C THR B 143 0.35 -6.46 -8.33
N PHE B 144 1.63 -6.12 -8.17
CA PHE B 144 2.69 -6.77 -8.96
C PHE B 144 2.74 -8.28 -8.76
N ARG B 145 2.88 -9.03 -9.86
CA ARG B 145 3.09 -10.47 -9.78
C ARG B 145 4.18 -10.90 -10.75
N LEU B 146 4.94 -11.92 -10.41
CA LEU B 146 5.79 -12.59 -11.39
C LEU B 146 4.86 -13.18 -12.44
N SER B 147 5.32 -13.25 -13.68
CA SER B 147 4.52 -13.84 -14.73
C SER B 147 4.81 -15.34 -14.85
N ALA B 148 3.99 -16.06 -15.59
CA ALA B 148 4.20 -17.48 -15.82
C ALA B 148 5.61 -17.71 -16.38
N ASP B 149 5.99 -16.88 -17.35
CA ASP B 149 7.31 -16.94 -17.95
C ASP B 149 8.48 -16.82 -16.97
N ASP B 150 8.43 -15.80 -16.10
CA ASP B 150 9.43 -15.61 -15.06
C ASP B 150 9.55 -16.86 -14.17
N ILE B 151 8.41 -17.39 -13.75
CA ILE B 151 8.40 -18.51 -12.82
C ILE B 151 8.94 -19.74 -13.51
N ARG B 152 8.52 -19.93 -14.76
CA ARG B 152 8.97 -21.05 -15.57
C ARG B 152 10.48 -20.99 -15.68
N GLY B 153 11.00 -19.82 -16.04
CA GLY B 153 12.43 -19.63 -16.13
C GLY B 153 13.21 -19.95 -14.87
N ILE B 154 12.76 -19.44 -13.72
CA ILE B 154 13.49 -19.64 -12.47
C ILE B 154 13.36 -21.09 -11.97
N GLN B 155 12.19 -21.70 -12.18
CA GLN B 155 11.96 -23.06 -11.74
C GLN B 155 12.71 -24.05 -12.60
N SER B 156 13.24 -23.58 -13.73
CA SER B 156 14.02 -24.43 -14.62
C SER B 156 15.52 -24.23 -14.42
N LEU B 157 15.88 -23.42 -13.43
CA LEU B 157 17.27 -23.27 -13.01
C LEU B 157 17.46 -23.91 -11.64
N TYR B 158 16.41 -23.82 -10.81
CA TYR B 158 16.46 -24.32 -9.44
C TYR B 158 15.34 -25.34 -9.22
N GLY B 159 15.44 -26.12 -8.15
CA GLY B 159 14.59 -27.28 -7.99
C GLY B 159 13.74 -27.32 -6.73
N VAL C 4 3.78 16.90 28.92
CA VAL C 4 4.38 16.71 27.60
C VAL C 4 5.88 16.45 27.70
N TRP C 5 6.43 15.79 26.68
CA TRP C 5 7.87 15.62 26.62
C TRP C 5 8.58 16.99 26.53
N ARG C 6 9.76 17.05 27.12
CA ARG C 6 10.50 18.30 27.28
C ARG C 6 11.60 18.43 26.25
N LYS C 7 11.52 17.61 25.20
CA LYS C 7 12.53 17.59 24.14
C LYS C 7 11.85 17.18 22.84
N HIS C 8 12.48 17.48 21.71
CA HIS C 8 11.89 17.15 20.42
C HIS C 8 12.49 15.91 19.76
N TYR C 9 13.56 15.39 20.34
CA TYR C 9 14.18 14.17 19.83
C TYR C 9 13.97 13.04 20.84
N ILE C 10 13.10 12.10 20.49
CA ILE C 10 12.64 11.07 21.41
C ILE C 10 13.07 9.70 20.94
N THR C 11 13.72 8.92 21.81
CA THR C 11 14.15 7.57 21.42
C THR C 11 13.18 6.50 21.82
N TYR C 12 13.19 5.41 21.08
CA TYR C 12 12.38 4.26 21.40
C TYR C 12 13.14 2.96 21.18
N ARG C 13 12.76 1.94 21.94
CA ARG C 13 13.35 0.63 21.78
C ARG C 13 12.25 -0.39 21.83
N ILE C 14 12.30 -1.34 20.92
CA ILE C 14 11.39 -2.46 20.97
C ILE C 14 11.99 -3.48 21.94
N ASN C 15 11.36 -3.63 23.11
CA ASN C 15 11.85 -4.50 24.18
C ASN C 15 11.86 -5.98 23.85
N ASN C 16 10.79 -6.46 23.22
CA ASN C 16 10.74 -7.84 22.77
C ASN C 16 9.80 -7.89 21.59
N TYR C 17 9.83 -9.00 20.86
CA TYR C 17 9.05 -9.11 19.63
C TYR C 17 7.95 -10.16 19.74
N THR C 18 6.77 -9.79 19.26
CA THR C 18 5.68 -10.75 19.14
C THR C 18 6.04 -11.82 18.10
N PRO C 19 5.77 -13.09 18.43
CA PRO C 19 5.99 -14.19 17.49
C PRO C 19 4.91 -14.26 16.42
N ASP C 20 3.86 -13.44 16.52
CA ASP C 20 2.80 -13.43 15.51
C ASP C 20 3.30 -12.95 14.13
N MET C 21 4.30 -12.08 14.12
CA MET C 21 4.82 -11.49 12.87
C MET C 21 6.31 -11.70 12.75
N ASN C 22 6.84 -11.52 11.54
CA ASN C 22 8.28 -11.48 11.35
C ASN C 22 8.85 -10.25 12.05
N ARG C 23 10.05 -10.41 12.60
CA ARG C 23 10.74 -9.32 13.29
C ARG C 23 10.81 -8.05 12.43
N GLU C 24 11.14 -8.19 11.14
CA GLU C 24 11.24 -7.05 10.24
C GLU C 24 9.90 -6.34 10.07
N ASP C 25 8.81 -7.11 10.03
CA ASP C 25 7.47 -6.55 9.88
C ASP C 25 7.03 -5.74 11.10
N VAL C 26 7.42 -6.18 12.28
CA VAL C 26 7.21 -5.42 13.51
C VAL C 26 7.98 -4.09 13.50
N ASP C 27 9.25 -4.14 13.12
CA ASP C 27 10.06 -2.92 12.98
C ASP C 27 9.37 -1.92 12.05
N TYR C 28 8.99 -2.38 10.87
CA TYR C 28 8.37 -1.50 9.87
C TYR C 28 7.09 -0.88 10.39
N ALA C 29 6.21 -1.70 10.97
CA ALA C 29 4.94 -1.23 11.52
C ALA C 29 5.16 -0.15 12.59
N ILE C 30 6.03 -0.44 13.56
CA ILE C 30 6.36 0.55 14.59
C ILE C 30 7.02 1.81 14.02
N ARG C 31 7.95 1.65 13.11
CA ARG C 31 8.59 2.81 12.47
C ARG C 31 7.60 3.70 11.71
N LYS C 32 6.66 3.08 10.99
CA LYS C 32 5.63 3.82 10.26
C LYS C 32 4.64 4.49 11.22
N ALA C 33 4.43 3.88 12.37
CA ALA C 33 3.52 4.42 13.38
C ALA C 33 4.08 5.72 13.95
N PHE C 34 5.37 5.71 14.29
CA PHE C 34 6.08 6.93 14.72
C PHE C 34 6.10 8.01 13.64
N GLN C 35 6.34 7.58 12.41
CA GLN C 35 6.35 8.46 11.25
C GLN C 35 5.07 9.27 11.10
N VAL C 36 3.94 8.61 11.35
CA VAL C 36 2.65 9.27 11.29
C VAL C 36 2.63 10.54 12.16
N TRP C 37 3.25 10.47 13.34
CA TRP C 37 3.28 11.60 14.27
C TRP C 37 4.41 12.61 14.01
N SER C 38 5.58 12.12 13.63
CA SER C 38 6.66 13.04 13.23
C SER C 38 6.27 13.83 11.97
N ASN C 39 5.34 13.30 11.19
CA ASN C 39 4.86 14.00 10.00
C ASN C 39 4.02 15.26 10.28
N VAL C 40 3.49 15.39 11.49
CA VAL C 40 2.65 16.55 11.79
C VAL C 40 3.15 17.35 12.99
N THR C 41 4.38 17.06 13.41
CA THR C 41 4.98 17.71 14.56
C THR C 41 6.45 18.02 14.29
N PRO C 42 7.09 18.77 15.19
CA PRO C 42 8.56 18.92 15.11
C PRO C 42 9.28 17.75 15.77
N LEU C 43 8.56 16.70 16.14
CA LEU C 43 9.19 15.59 16.89
C LEU C 43 9.99 14.70 15.96
N LYS C 44 11.10 14.18 16.46
N LYS C 44 11.10 14.18 16.47
CA LYS C 44 11.95 13.26 15.72
CA LYS C 44 11.96 13.26 15.73
C LYS C 44 12.16 12.00 16.56
C LYS C 44 12.15 12.00 16.56
N PHE C 45 11.86 10.85 15.97
CA PHE C 45 11.98 9.58 16.67
C PHE C 45 13.16 8.74 16.16
N SER C 46 13.88 8.11 17.09
CA SER C 46 15.05 7.33 16.74
C SER C 46 15.03 5.96 17.41
N LYS C 47 15.15 4.90 16.62
CA LYS C 47 15.18 3.55 17.16
C LYS C 47 16.52 3.20 17.80
N ILE C 48 16.46 2.53 18.94
CA ILE C 48 17.63 2.11 19.69
C ILE C 48 17.54 0.60 19.86
N ASN C 49 18.60 -0.14 19.53
CA ASN C 49 18.54 -1.60 19.64
C ASN C 49 18.80 -2.16 21.03
N THR C 50 19.64 -1.46 21.81
CA THR C 50 19.96 -1.87 23.16
C THR C 50 20.29 -0.64 23.99
N GLY C 51 19.97 -0.65 25.27
CA GLY C 51 20.24 0.49 26.13
C GLY C 51 19.00 1.34 26.41
N MET C 52 19.23 2.56 26.89
CA MET C 52 18.13 3.47 27.26
C MET C 52 17.30 3.93 26.08
N ALA C 53 16.01 4.07 26.31
CA ALA C 53 15.12 4.69 25.35
C ALA C 53 14.00 5.38 26.12
N ASP C 54 13.43 6.43 25.53
CA ASP C 54 12.37 7.16 26.19
C ASP C 54 11.09 6.36 26.14
N ILE C 55 10.79 5.79 24.98
CA ILE C 55 9.58 5.00 24.80
C ILE C 55 9.90 3.52 24.64
N LEU C 56 9.53 2.74 25.63
CA LEU C 56 9.73 1.30 25.57
C LEU C 56 8.50 0.66 24.94
N VAL C 57 8.72 -0.25 24.00
CA VAL C 57 7.65 -0.97 23.33
C VAL C 57 7.70 -2.42 23.79
N VAL C 58 6.61 -2.89 24.36
CA VAL C 58 6.57 -4.20 25.00
C VAL C 58 5.36 -5.00 24.54
N PHE C 59 5.57 -6.27 24.22
CA PHE C 59 4.48 -7.23 24.05
C PHE C 59 4.43 -8.10 25.30
N ALA C 60 3.32 -8.05 26.03
CA ALA C 60 3.17 -8.88 27.21
C ALA C 60 1.75 -9.42 27.29
N ARG C 61 1.56 -10.42 28.14
CA ARG C 61 0.23 -10.95 28.42
C ARG C 61 -0.08 -10.87 29.92
N GLY C 62 -1.36 -10.91 30.25
CA GLY C 62 -1.81 -10.87 31.62
C GLY C 62 -1.14 -9.79 32.45
N ALA C 63 -0.83 -10.14 33.69
CA ALA C 63 -0.12 -9.24 34.59
C ALA C 63 1.33 -9.17 34.16
N HIS C 64 1.86 -7.96 34.06
CA HIS C 64 3.21 -7.79 33.55
C HIS C 64 3.94 -6.65 34.25
N GLY C 65 3.56 -6.36 35.50
CA GLY C 65 4.36 -5.50 36.36
C GLY C 65 3.99 -4.02 36.49
N ASP C 66 2.82 -3.61 36.01
CA ASP C 66 2.48 -2.20 36.04
C ASP C 66 1.08 -1.89 36.58
N ASP C 67 0.50 -2.84 37.29
CA ASP C 67 -0.81 -2.68 37.92
C ASP C 67 -1.94 -2.47 36.90
N HIS C 68 -1.70 -2.89 35.67
CA HIS C 68 -2.72 -2.85 34.62
C HIS C 68 -2.66 -4.12 33.78
N ALA C 69 -3.13 -5.22 34.35
CA ALA C 69 -3.05 -6.51 33.69
C ALA C 69 -3.88 -6.53 32.41
N PHE C 70 -3.39 -7.29 31.42
CA PHE C 70 -4.16 -7.50 30.20
C PHE C 70 -5.18 -8.62 30.44
N ASP C 71 -6.18 -8.72 29.57
CA ASP C 71 -7.38 -9.50 29.84
C ASP C 71 -7.57 -10.75 28.95
N GLY C 72 -6.48 -11.23 28.35
CA GLY C 72 -6.55 -12.37 27.45
C GLY C 72 -6.95 -11.95 26.04
N LYS C 73 -7.33 -12.93 25.21
N LYS C 73 -7.33 -12.92 25.20
CA LYS C 73 -7.75 -12.64 23.84
CA LYS C 73 -7.72 -12.63 23.83
C LYS C 73 -8.96 -11.73 23.79
C LYS C 73 -8.97 -11.75 23.76
N GLY C 74 -8.90 -10.71 22.93
CA GLY C 74 -10.01 -9.78 22.78
C GLY C 74 -10.02 -8.79 23.91
N GLY C 75 -10.99 -7.88 23.89
CA GLY C 75 -11.09 -6.83 24.89
C GLY C 75 -10.02 -5.77 24.73
N ILE C 76 -9.25 -5.55 25.79
CA ILE C 76 -8.14 -4.61 25.78
C ILE C 76 -7.06 -5.03 24.80
N LEU C 77 -6.70 -4.15 23.87
CA LEU C 77 -5.68 -4.49 22.89
C LEU C 77 -4.28 -4.07 23.35
N ALA C 78 -4.22 -2.96 24.08
CA ALA C 78 -2.95 -2.28 24.37
C ALA C 78 -3.15 -1.07 25.27
N HIS C 79 -2.10 -0.69 25.98
CA HIS C 79 -2.12 0.60 26.68
C HIS C 79 -0.74 1.29 26.67
N ALA C 80 -0.74 2.60 26.94
CA ALA C 80 0.49 3.38 26.98
C ALA C 80 0.44 4.46 28.07
N PHE C 81 1.58 4.69 28.70
CA PHE C 81 1.69 5.70 29.74
C PHE C 81 2.14 7.02 29.13
N GLY C 82 1.59 8.11 29.64
CA GLY C 82 1.92 9.43 29.16
C GLY C 82 3.38 9.77 29.40
N PRO C 83 3.82 10.91 28.83
CA PRO C 83 5.21 11.39 28.88
C PRO C 83 5.76 11.45 30.31
N GLY C 84 6.87 10.77 30.54
CA GLY C 84 7.50 10.83 31.84
C GLY C 84 8.74 9.99 31.85
N SER C 85 9.51 10.09 32.93
CA SER C 85 10.68 9.24 33.09
C SER C 85 10.22 7.83 33.43
N GLY C 86 11.15 6.89 33.44
CA GLY C 86 10.85 5.52 33.80
C GLY C 86 9.81 4.94 32.87
N ILE C 87 8.68 4.55 33.42
CA ILE C 87 7.64 3.88 32.63
C ILE C 87 6.86 4.88 31.77
N GLY C 88 7.06 6.17 32.03
CA GLY C 88 6.44 7.20 31.22
C GLY C 88 6.75 6.98 29.75
N GLY C 89 5.74 7.15 28.90
CA GLY C 89 5.91 7.00 27.48
C GLY C 89 5.83 5.58 26.97
N ASP C 90 6.00 4.59 27.85
CA ASP C 90 6.07 3.20 27.40
C ASP C 90 4.74 2.69 26.84
N ALA C 91 4.83 1.87 25.80
CA ALA C 91 3.65 1.31 25.12
C ALA C 91 3.63 -0.21 25.23
N HIS C 92 2.51 -0.74 25.73
CA HIS C 92 2.37 -2.17 25.96
C HIS C 92 1.27 -2.76 25.10
N PHE C 93 1.60 -3.82 24.39
CA PHE C 93 0.67 -4.49 23.49
C PHE C 93 0.34 -5.89 24.04
N ASP C 94 -0.96 -6.19 24.16
CA ASP C 94 -1.41 -7.48 24.69
C ASP C 94 -0.98 -8.60 23.76
N GLU C 95 -0.11 -9.47 24.25
CA GLU C 95 0.39 -10.55 23.43
C GLU C 95 -0.71 -11.60 23.19
N ASP C 96 -1.80 -11.53 23.92
CA ASP C 96 -2.87 -12.50 23.65
C ASP C 96 -3.68 -12.14 22.41
N GLU C 97 -3.42 -10.96 21.83
CA GLU C 97 -4.05 -10.61 20.57
C GLU C 97 -3.25 -11.24 19.44
N PHE C 98 -3.85 -11.31 18.26
CA PHE C 98 -3.13 -11.77 17.10
C PHE C 98 -2.74 -10.57 16.24
N TRP C 99 -1.47 -10.16 16.34
CA TRP C 99 -0.93 -8.97 15.65
C TRP C 99 -0.61 -9.24 14.18
N THR C 100 -1.17 -8.42 13.30
CA THR C 100 -1.01 -8.62 11.86
C THR C 100 -0.47 -7.39 11.15
N THR C 101 0.25 -7.63 10.06
CA THR C 101 0.72 -6.58 9.18
C THR C 101 -0.47 -6.01 8.41
N HIS C 102 -1.54 -6.80 8.38
N HIS C 102 -1.53 -6.79 8.28
CA HIS C 102 -2.69 -6.54 7.52
CA HIS C 102 -2.72 -6.33 7.56
C HIS C 102 -4.01 -6.57 8.28
C HIS C 102 -4.01 -6.59 8.33
N SER C 103 -4.99 -7.21 7.66
CA SER C 103 -6.36 -7.30 8.20
C SER C 103 -6.70 -8.54 9.02
N GLY C 104 -5.81 -9.55 8.99
CA GLY C 104 -6.07 -10.82 9.64
C GLY C 104 -6.61 -10.80 11.07
N GLY C 105 -6.00 -10.02 11.94
CA GLY C 105 -6.42 -9.96 13.32
C GLY C 105 -6.49 -8.53 13.81
N THR C 106 -5.56 -8.15 14.68
CA THR C 106 -5.41 -6.76 15.09
C THR C 106 -4.15 -6.16 14.42
N ASN C 107 -4.37 -5.17 13.56
CA ASN C 107 -3.26 -4.52 12.85
C ASN C 107 -2.31 -3.79 13.79
N LEU C 108 -1.05 -4.21 13.80
CA LEU C 108 -0.10 -3.63 14.74
C LEU C 108 0.11 -2.13 14.50
N PHE C 109 0.26 -1.76 13.23
CA PHE C 109 0.52 -0.37 12.85
C PHE C 109 -0.54 0.62 13.32
N LEU C 110 -1.81 0.38 13.00
CA LEU C 110 -2.88 1.25 13.48
C LEU C 110 -2.95 1.33 15.03
N THR C 111 -2.67 0.21 15.70
CA THR C 111 -2.72 0.18 17.16
C THR C 111 -1.57 0.96 17.77
N ALA C 112 -0.39 0.82 17.17
CA ALA C 112 0.77 1.61 17.59
C ALA C 112 0.54 3.11 17.41
N VAL C 113 -0.07 3.50 16.30
CA VAL C 113 -0.41 4.92 16.10
C VAL C 113 -1.23 5.45 17.29
N HIS C 114 -2.31 4.73 17.64
CA HIS C 114 -3.15 5.09 18.78
C HIS C 114 -2.34 5.17 20.08
N GLU C 115 -1.53 4.16 20.34
CA GLU C 115 -0.78 4.09 21.59
C GLU C 115 0.32 5.16 21.66
N ILE C 116 0.96 5.42 20.54
CA ILE C 116 1.99 6.46 20.51
C ILE C 116 1.36 7.81 20.78
N GLY C 117 0.13 8.01 20.30
CA GLY C 117 -0.63 9.18 20.65
C GLY C 117 -0.64 9.40 22.17
N HIS C 118 -0.91 8.33 22.92
CA HIS C 118 -0.91 8.37 24.38
C HIS C 118 0.48 8.65 24.91
N SER C 119 1.46 7.92 24.37
CA SER C 119 2.88 8.13 24.67
C SER C 119 3.32 9.59 24.62
N LEU C 120 2.70 10.36 23.74
CA LEU C 120 3.08 11.73 23.49
C LEU C 120 2.22 12.71 24.30
N GLY C 121 1.22 12.18 25.00
CA GLY C 121 0.41 13.01 25.90
C GLY C 121 -1.00 13.27 25.47
N LEU C 122 -1.46 12.62 24.40
CA LEU C 122 -2.85 12.77 24.00
C LEU C 122 -3.76 11.88 24.84
N GLY C 123 -4.99 12.34 25.06
CA GLY C 123 -6.03 11.50 25.61
C GLY C 123 -6.95 11.01 24.51
N HIS C 124 -8.14 10.55 24.88
CA HIS C 124 -9.08 10.05 23.89
C HIS C 124 -9.86 11.19 23.25
N SER C 125 -10.46 10.91 22.11
CA SER C 125 -11.22 11.89 21.36
C SER C 125 -12.66 11.42 21.30
N SER C 126 -13.60 12.34 21.19
CA SER C 126 -15.00 11.93 21.01
C SER C 126 -15.40 11.90 19.54
N ASP C 127 -14.42 12.09 18.66
CA ASP C 127 -14.60 12.09 17.21
C ASP C 127 -14.25 10.71 16.61
N PRO C 128 -15.23 10.04 15.98
CA PRO C 128 -14.97 8.73 15.36
C PRO C 128 -13.97 8.77 14.19
N LYS C 129 -13.71 9.95 13.63
CA LYS C 129 -12.74 10.05 12.55
C LYS C 129 -11.33 9.99 13.11
N ALA C 130 -11.19 10.35 14.38
CA ALA C 130 -9.88 10.40 15.03
C ALA C 130 -9.29 9.03 15.33
N VAL C 131 -7.98 8.89 15.11
CA VAL C 131 -7.28 7.67 15.51
C VAL C 131 -7.29 7.53 17.04
N MET C 132 -7.43 8.66 17.74
CA MET C 132 -7.48 8.63 19.21
C MET C 132 -8.90 8.35 19.72
N PHE C 133 -9.84 8.11 18.81
CA PHE C 133 -11.14 7.58 19.19
C PHE C 133 -10.87 6.15 19.66
N PRO C 134 -11.41 5.78 20.85
CA PRO C 134 -10.99 4.52 21.46
C PRO C 134 -11.66 3.26 20.89
N THR C 135 -11.93 3.21 19.60
CA THR C 135 -12.44 1.99 18.98
C THR C 135 -11.61 1.60 17.76
N TYR C 136 -11.19 0.34 17.72
CA TYR C 136 -10.40 -0.16 16.61
C TYR C 136 -11.23 -0.34 15.35
N LYS C 137 -10.70 0.19 14.25
CA LYS C 137 -11.30 0.06 12.92
C LYS C 137 -10.17 -0.14 11.93
N TYR C 138 -10.16 -1.26 11.22
CA TYR C 138 -9.11 -1.49 10.23
C TYR C 138 -9.32 -0.56 9.04
N VAL C 139 -8.25 0.10 8.61
CA VAL C 139 -8.22 0.79 7.33
C VAL C 139 -6.85 0.49 6.71
N ASP C 140 -6.83 0.38 5.39
CA ASP C 140 -5.58 0.18 4.65
C ASP C 140 -4.57 1.25 5.03
N ILE C 141 -3.34 0.85 5.34
CA ILE C 141 -2.28 1.80 5.68
C ILE C 141 -2.06 2.86 4.59
N ASN C 142 -2.26 2.48 3.34
CA ASN C 142 -2.15 3.41 2.23
C ASN C 142 -3.15 4.55 2.38
N THR C 143 -4.33 4.22 2.86
CA THR C 143 -5.44 5.18 2.89
C THR C 143 -5.58 5.87 4.25
N PHE C 144 -4.85 5.38 5.25
CA PHE C 144 -4.98 5.92 6.61
C PHE C 144 -4.51 7.36 6.71
N ARG C 145 -5.27 8.19 7.41
CA ARG C 145 -4.81 9.54 7.73
C ARG C 145 -5.24 9.91 9.14
N LEU C 146 -4.46 10.76 9.79
CA LEU C 146 -4.86 11.36 11.06
C LEU C 146 -5.98 12.38 10.79
N SER C 147 -6.95 12.48 11.70
CA SER C 147 -8.07 13.40 11.52
C SER C 147 -7.66 14.79 11.91
N ALA C 148 -8.48 15.77 11.55
CA ALA C 148 -8.26 17.17 11.94
C ALA C 148 -7.97 17.33 13.44
N ASP C 149 -8.74 16.64 14.26
N ASP C 149 -8.73 16.66 14.29
CA ASP C 149 -8.69 16.73 15.72
CA ASP C 149 -8.58 16.85 15.73
C ASP C 149 -7.43 16.08 16.30
C ASP C 149 -7.40 16.08 16.35
N ASP C 150 -7.03 14.95 15.74
CA ASP C 150 -5.77 14.29 16.12
C ASP C 150 -4.62 15.27 15.92
N ILE C 151 -4.61 15.93 14.77
CA ILE C 151 -3.52 16.86 14.43
C ILE C 151 -3.56 18.11 15.32
N ARG C 152 -4.75 18.66 15.48
CA ARG C 152 -4.96 19.83 16.32
C ARG C 152 -4.46 19.56 17.74
N GLY C 153 -4.80 18.39 18.25
CA GLY C 153 -4.40 17.99 19.58
C GLY C 153 -2.89 17.90 19.75
N ILE C 154 -2.23 17.18 18.85
CA ILE C 154 -0.79 16.97 18.96
C ILE C 154 0.00 18.28 18.73
N GLN C 155 -0.54 19.15 17.89
CA GLN C 155 0.17 20.39 17.55
C GLN C 155 -0.01 21.44 18.65
N SER C 156 -1.07 21.30 19.44
CA SER C 156 -1.25 22.14 20.63
C SER C 156 -0.23 21.78 21.69
N LEU C 157 0.27 20.55 21.65
CA LEU C 157 1.27 20.12 22.62
C LEU C 157 2.69 20.41 22.15
N TYR C 158 2.97 20.25 20.86
CA TYR C 158 4.34 20.37 20.37
C TYR C 158 4.45 21.29 19.19
N GLY C 159 5.38 22.24 19.28
CA GLY C 159 5.70 23.11 18.15
C GLY C 159 5.00 24.46 18.18
N MET D 1 -23.96 10.07 38.43
CA MET D 1 -25.39 9.85 38.67
C MET D 1 -26.16 10.06 37.36
N GLY D 2 -27.06 9.14 37.05
CA GLY D 2 -27.87 9.20 35.84
C GLY D 2 -29.29 8.77 36.15
N PRO D 3 -30.19 8.89 35.17
CA PRO D 3 -31.60 8.53 35.38
C PRO D 3 -31.84 7.02 35.48
N VAL D 4 -33.02 6.66 35.99
CA VAL D 4 -33.49 5.28 36.05
C VAL D 4 -34.96 5.31 35.66
N TRP D 5 -35.49 4.21 35.13
CA TRP D 5 -36.93 4.11 34.92
C TRP D 5 -37.63 4.10 36.29
N ARG D 6 -38.78 4.78 36.39
CA ARG D 6 -39.49 4.90 37.67
C ARG D 6 -40.63 3.89 37.75
N LYS D 7 -40.49 2.80 37.02
CA LYS D 7 -41.47 1.74 36.97
C LYS D 7 -40.73 0.48 36.57
N HIS D 8 -41.23 -0.65 37.04
CA HIS D 8 -40.58 -1.93 36.81
C HIS D 8 -41.15 -2.67 35.61
N TYR D 9 -42.21 -2.12 35.03
CA TYR D 9 -42.78 -2.68 33.81
C TYR D 9 -42.43 -1.78 32.62
N ILE D 10 -41.63 -2.32 31.70
CA ILE D 10 -41.06 -1.52 30.63
C ILE D 10 -41.33 -2.16 29.27
N THR D 11 -41.84 -1.36 28.34
CA THR D 11 -42.21 -1.88 27.03
C THR D 11 -41.13 -1.60 25.98
N TYR D 12 -41.11 -2.45 24.95
CA TYR D 12 -40.25 -2.21 23.81
C TYR D 12 -40.91 -2.52 22.50
N ARG D 13 -40.45 -1.86 21.45
N ARG D 13 -40.44 -1.87 21.46
CA ARG D 13 -40.99 -2.05 20.12
CA ARG D 13 -40.97 -2.00 20.11
C ARG D 13 -39.85 -2.05 19.12
C ARG D 13 -39.80 -2.09 19.15
N ILE D 14 -39.93 -2.92 18.13
CA ILE D 14 -38.94 -2.95 17.08
C ILE D 14 -39.44 -2.10 15.90
N ASN D 15 -38.87 -0.91 15.78
CA ASN D 15 -39.29 0.08 14.78
C ASN D 15 -39.14 -0.40 13.35
N ASN D 16 -38.06 -1.12 13.10
CA ASN D 16 -37.73 -1.62 11.78
C ASN D 16 -36.73 -2.75 11.89
N TYR D 17 -36.58 -3.53 10.83
CA TYR D 17 -35.78 -4.74 10.87
C TYR D 17 -34.59 -4.66 9.91
N THR D 18 -33.44 -5.15 10.35
CA THR D 18 -32.28 -5.21 9.48
C THR D 18 -32.49 -6.32 8.46
N PRO D 19 -32.09 -6.08 7.20
CA PRO D 19 -32.18 -7.14 6.19
C PRO D 19 -31.07 -8.18 6.37
N ASP D 20 -30.10 -7.92 7.25
CA ASP D 20 -29.02 -8.87 7.49
C ASP D 20 -29.54 -10.17 8.07
N MET D 21 -30.72 -10.11 8.67
CA MET D 21 -31.26 -11.24 9.45
C MET D 21 -32.73 -11.48 9.18
N ASN D 22 -33.16 -12.67 9.56
CA ASN D 22 -34.58 -13.01 9.56
C ASN D 22 -35.28 -12.24 10.65
N ARG D 23 -36.45 -11.70 10.31
CA ARG D 23 -37.33 -11.03 11.26
C ARG D 23 -37.42 -11.78 12.59
N GLU D 24 -37.48 -13.11 12.51
CA GLU D 24 -37.71 -13.98 13.66
C GLU D 24 -36.46 -14.09 14.52
N ASP D 25 -35.30 -14.01 13.88
CA ASP D 25 -34.04 -14.05 14.59
C ASP D 25 -33.78 -12.72 15.29
N VAL D 26 -34.22 -11.63 14.64
CA VAL D 26 -34.13 -10.31 15.26
C VAL D 26 -35.02 -10.24 16.52
N ASP D 27 -36.30 -10.63 16.41
CA ASP D 27 -37.19 -10.67 17.59
C ASP D 27 -36.57 -11.48 18.70
N TYR D 28 -36.02 -12.64 18.33
CA TYR D 28 -35.43 -13.53 19.32
C TYR D 28 -34.17 -12.95 19.98
N ALA D 29 -33.27 -12.38 19.19
CA ALA D 29 -32.04 -11.84 19.74
C ALA D 29 -32.36 -10.73 20.75
N ILE D 30 -33.29 -9.85 20.36
CA ILE D 30 -33.75 -8.78 21.24
C ILE D 30 -34.41 -9.29 22.51
N ARG D 31 -35.25 -10.31 22.38
CA ARG D 31 -35.98 -10.82 23.53
C ARG D 31 -35.01 -11.46 24.52
N LYS D 32 -34.01 -12.19 24.03
CA LYS D 32 -33.08 -12.84 24.93
C LYS D 32 -32.20 -11.81 25.62
N ALA D 33 -31.92 -10.72 24.93
CA ALA D 33 -31.06 -9.67 25.49
C ALA D 33 -31.76 -8.96 26.64
N PHE D 34 -33.06 -8.72 26.49
CA PHE D 34 -33.84 -8.15 27.58
C PHE D 34 -33.89 -9.15 28.75
N GLN D 35 -34.04 -10.43 28.43
CA GLN D 35 -34.08 -11.49 29.44
C GLN D 35 -32.82 -11.58 30.31
N VAL D 36 -31.67 -11.32 29.70
CA VAL D 36 -30.40 -11.23 30.43
C VAL D 36 -30.51 -10.26 31.62
N TRP D 37 -31.16 -9.12 31.40
CA TRP D 37 -31.27 -8.12 32.46
C TRP D 37 -32.48 -8.37 33.41
N SER D 38 -33.59 -8.86 32.88
CA SER D 38 -34.74 -9.34 33.68
C SER D 38 -34.33 -10.34 34.74
N ASN D 39 -33.39 -11.20 34.36
CA ASN D 39 -32.89 -12.25 35.23
C ASN D 39 -32.12 -11.75 36.45
N VAL D 40 -31.70 -10.50 36.44
CA VAL D 40 -30.92 -10.01 37.56
C VAL D 40 -31.59 -8.85 38.29
N THR D 41 -32.77 -8.46 37.81
CA THR D 41 -33.51 -7.32 38.32
C THR D 41 -35.01 -7.61 38.51
N PRO D 42 -35.74 -6.69 39.18
CA PRO D 42 -37.20 -6.79 39.21
C PRO D 42 -37.87 -6.25 37.96
N LEU D 43 -37.09 -5.96 36.93
CA LEU D 43 -37.66 -5.43 35.69
C LEU D 43 -38.35 -6.51 34.87
N LYS D 44 -39.40 -6.10 34.19
CA LYS D 44 -40.15 -6.97 33.30
C LYS D 44 -40.36 -6.22 32.00
N PHE D 45 -39.97 -6.87 30.90
CA PHE D 45 -40.00 -6.23 29.59
C PHE D 45 -41.02 -6.94 28.75
N SER D 46 -41.73 -6.19 27.92
CA SER D 46 -42.67 -6.81 27.00
C SER D 46 -42.70 -6.11 25.65
N LYS D 47 -42.76 -6.90 24.59
CA LYS D 47 -42.76 -6.40 23.23
C LYS D 47 -44.16 -5.95 22.82
N ILE D 48 -44.26 -4.71 22.33
CA ILE D 48 -45.53 -4.28 21.75
C ILE D 48 -45.34 -3.95 20.27
N ASN D 49 -46.42 -4.03 19.51
CA ASN D 49 -46.32 -3.95 18.06
C ASN D 49 -46.84 -2.66 17.44
N THR D 50 -47.83 -2.04 18.08
CA THR D 50 -48.29 -0.73 17.63
C THR D 50 -48.62 0.18 18.82
N GLY D 51 -48.17 1.43 18.72
CA GLY D 51 -48.31 2.38 19.80
C GLY D 51 -46.94 2.70 20.38
N MET D 52 -46.91 3.61 21.34
CA MET D 52 -45.66 4.02 21.97
C MET D 52 -45.11 2.94 22.90
N ALA D 53 -43.83 2.62 22.72
CA ALA D 53 -43.12 1.80 23.68
C ALA D 53 -42.06 2.66 24.37
N ASP D 54 -41.62 2.21 25.54
CA ASP D 54 -40.58 2.91 26.29
C ASP D 54 -39.27 2.87 25.52
N ILE D 55 -38.86 1.67 25.14
CA ILE D 55 -37.60 1.47 24.44
C ILE D 55 -37.84 1.15 22.96
N LEU D 56 -37.45 2.08 22.08
CA LEU D 56 -37.49 1.84 20.63
C LEU D 56 -36.20 1.17 20.18
N VAL D 57 -36.33 0.09 19.41
CA VAL D 57 -35.18 -0.55 18.78
C VAL D 57 -35.11 -0.16 17.30
N VAL D 58 -34.03 0.52 16.93
CA VAL D 58 -33.93 1.09 15.60
C VAL D 58 -32.65 0.63 14.87
N PHE D 59 -32.80 0.22 13.62
CA PHE D 59 -31.65 0.04 12.73
C PHE D 59 -31.57 1.24 11.79
N ALA D 60 -30.42 1.90 11.79
CA ALA D 60 -30.20 3.05 10.94
C ALA D 60 -28.72 3.17 10.60
N ARG D 61 -28.41 4.00 9.59
CA ARG D 61 -27.03 4.15 9.14
C ARG D 61 -26.68 5.63 8.99
N GLY D 62 -25.38 5.94 8.98
CA GLY D 62 -24.90 7.30 8.84
C GLY D 62 -25.60 8.30 9.74
N ALA D 63 -25.82 9.50 9.21
CA ALA D 63 -26.61 10.51 9.91
C ALA D 63 -28.07 10.09 9.90
N HIS D 64 -28.70 10.04 11.07
CA HIS D 64 -30.08 9.59 11.12
C HIS D 64 -30.94 10.45 12.05
N GLY D 65 -30.51 11.69 12.25
CA GLY D 65 -31.35 12.70 12.89
C GLY D 65 -31.33 12.81 14.40
N ASP D 66 -30.25 12.41 15.05
CA ASP D 66 -30.15 12.53 16.51
C ASP D 66 -28.82 13.10 17.01
N ASP D 67 -28.03 13.65 16.10
CA ASP D 67 -26.76 14.32 16.42
C ASP D 67 -25.65 13.36 16.84
N HIS D 68 -25.88 12.07 16.67
CA HIS D 68 -24.88 11.06 16.91
C HIS D 68 -24.77 10.17 15.69
N ALA D 69 -24.11 10.66 14.64
CA ALA D 69 -24.04 9.92 13.40
C ALA D 69 -23.29 8.60 13.54
N PHE D 70 -23.73 7.61 12.78
CA PHE D 70 -23.02 6.36 12.64
C PHE D 70 -21.90 6.51 11.59
N ASP D 71 -21.03 5.52 11.46
CA ASP D 71 -19.76 5.73 10.78
C ASP D 71 -19.40 4.71 9.68
N GLY D 72 -20.40 4.08 9.08
CA GLY D 72 -20.14 3.06 8.08
C GLY D 72 -19.74 1.73 8.72
N LYS D 73 -19.29 0.77 7.91
CA LYS D 73 -18.90 -0.54 8.42
C LYS D 73 -17.73 -0.40 9.41
N GLY D 74 -17.76 -1.19 10.48
CA GLY D 74 -16.74 -1.14 11.51
C GLY D 74 -16.90 0.06 12.44
N GLY D 75 -15.96 0.23 13.37
CA GLY D 75 -16.05 1.33 14.31
C GLY D 75 -17.28 1.23 15.22
N ILE D 76 -17.97 2.36 15.37
CA ILE D 76 -19.16 2.44 16.21
C ILE D 76 -20.20 1.42 15.75
N LEU D 77 -20.64 0.57 16.66
CA LEU D 77 -21.64 -0.45 16.31
C LEU D 77 -23.08 -0.02 16.59
N ALA D 78 -23.27 0.86 17.57
CA ALA D 78 -24.60 1.12 18.12
C ALA D 78 -24.50 2.11 19.26
N HIS D 79 -25.59 2.81 19.53
CA HIS D 79 -25.69 3.62 20.73
C HIS D 79 -27.11 3.61 21.33
N ALA D 80 -27.21 3.99 22.60
CA ALA D 80 -28.50 3.98 23.27
C ALA D 80 -28.61 5.13 24.26
N PHE D 81 -29.82 5.65 24.40
CA PHE D 81 -30.10 6.75 25.30
C PHE D 81 -30.61 6.28 26.66
N GLY D 82 -30.26 7.00 27.71
CA GLY D 82 -30.65 6.65 29.05
C GLY D 82 -32.13 6.85 29.30
N PRO D 83 -32.65 6.28 30.41
CA PRO D 83 -34.08 6.28 30.72
C PRO D 83 -34.66 7.69 30.69
N GLY D 84 -35.87 7.80 30.16
CA GLY D 84 -36.54 9.08 30.05
C GLY D 84 -37.58 8.98 28.94
N SER D 85 -38.32 10.05 28.74
CA SER D 85 -39.39 10.01 27.77
C SER D 85 -38.83 10.22 26.37
N GLY D 86 -39.68 10.05 25.37
CA GLY D 86 -39.32 10.26 23.98
C GLY D 86 -38.13 9.40 23.60
N ILE D 87 -37.04 10.03 23.19
CA ILE D 87 -35.83 9.31 22.79
C ILE D 87 -35.21 8.51 23.94
N GLY D 88 -35.56 8.88 25.18
CA GLY D 88 -35.06 8.18 26.35
C GLY D 88 -35.26 6.67 26.22
N GLY D 89 -34.21 5.92 26.50
CA GLY D 89 -34.28 4.48 26.41
C GLY D 89 -34.05 3.85 25.03
N ASP D 90 -34.17 4.63 23.97
CA ASP D 90 -34.07 4.08 22.61
C ASP D 90 -32.69 3.53 22.30
N ALA D 91 -32.66 2.43 21.56
CA ALA D 91 -31.40 1.78 21.18
C ALA D 91 -31.27 1.75 19.66
N HIS D 92 -30.16 2.27 19.16
CA HIS D 92 -29.95 2.38 17.73
C HIS D 92 -28.77 1.54 17.26
N PHE D 93 -29.02 0.69 16.26
CA PHE D 93 -27.98 -0.21 15.73
C PHE D 93 -27.54 0.20 14.32
N ASP D 94 -26.23 0.28 14.12
CA ASP D 94 -25.68 0.77 12.85
C ASP D 94 -25.93 -0.27 11.77
N GLU D 95 -26.69 0.09 10.74
N GLU D 95 -26.69 0.10 10.74
CA GLU D 95 -27.04 -0.89 9.71
CA GLU D 95 -27.06 -0.84 9.68
C GLU D 95 -25.88 -1.21 8.77
C GLU D 95 -25.90 -1.20 8.75
N ASP D 96 -24.84 -0.40 8.80
CA ASP D 96 -23.64 -0.71 8.03
C ASP D 96 -22.89 -1.93 8.59
N GLU D 97 -23.21 -2.32 9.83
CA GLU D 97 -22.72 -3.59 10.34
C GLU D 97 -23.51 -4.73 9.72
N PHE D 98 -22.94 -5.93 9.77
CA PHE D 98 -23.67 -7.11 9.35
C PHE D 98 -24.09 -7.89 10.58
N TRP D 99 -25.37 -7.75 10.94
CA TRP D 99 -25.89 -8.35 12.18
C TRP D 99 -26.15 -9.83 11.97
N THR D 100 -25.71 -10.65 12.93
CA THR D 100 -25.84 -12.10 12.82
C THR D 100 -26.24 -12.76 14.14
N THR D 101 -26.60 -14.03 14.05
CA THR D 101 -26.95 -14.82 15.20
C THR D 101 -25.75 -15.66 15.60
N HIS D 102 -24.61 -15.39 14.98
CA HIS D 102 -23.41 -16.18 15.21
C HIS D 102 -22.17 -15.33 15.38
N SER D 103 -21.01 -15.97 15.27
CA SER D 103 -19.71 -15.30 15.49
C SER D 103 -19.25 -14.42 14.32
N GLY D 104 -19.77 -14.63 13.12
CA GLY D 104 -19.40 -13.78 11.98
C GLY D 104 -20.06 -12.42 12.02
N GLY D 105 -19.44 -11.43 11.38
CA GLY D 105 -20.01 -10.09 11.39
C GLY D 105 -20.16 -9.57 12.82
N THR D 106 -21.30 -8.95 13.13
CA THR D 106 -21.55 -8.48 14.49
C THR D 106 -22.79 -9.12 15.12
N ASN D 107 -22.58 -9.84 16.22
CA ASN D 107 -23.68 -10.54 16.86
C ASN D 107 -24.69 -9.56 17.49
N LEU D 108 -25.94 -9.65 17.06
CA LEU D 108 -26.98 -8.75 17.52
C LEU D 108 -27.22 -8.90 19.02
N PHE D 109 -27.41 -10.14 19.47
CA PHE D 109 -27.67 -10.44 20.89
C PHE D 109 -26.71 -9.74 21.86
N LEU D 110 -25.42 -10.07 21.77
CA LEU D 110 -24.40 -9.43 22.60
C LEU D 110 -24.42 -7.91 22.53
N THR D 111 -24.62 -7.36 21.33
CA THR D 111 -24.61 -5.92 21.20
C THR D 111 -25.83 -5.31 21.89
N ALA D 112 -26.97 -5.98 21.76
CA ALA D 112 -28.21 -5.54 22.40
C ALA D 112 -28.13 -5.63 23.93
N VAL D 113 -27.44 -6.63 24.48
CA VAL D 113 -27.23 -6.66 25.93
C VAL D 113 -26.50 -5.41 26.39
N HIS D 114 -25.42 -5.07 25.69
CA HIS D 114 -24.67 -3.84 25.97
C HIS D 114 -25.56 -2.60 25.89
N GLU D 115 -26.24 -2.42 24.76
CA GLU D 115 -27.10 -1.26 24.56
C GLU D 115 -28.26 -1.18 25.56
N ILE D 116 -28.88 -2.31 25.86
CA ILE D 116 -29.99 -2.31 26.84
C ILE D 116 -29.48 -1.88 28.21
N GLY D 117 -28.26 -2.30 28.55
CA GLY D 117 -27.54 -1.73 29.68
C GLY D 117 -27.64 -0.21 29.75
N HIS D 118 -27.29 0.46 28.66
CA HIS D 118 -27.42 1.92 28.59
C HIS D 118 -28.88 2.35 28.68
N SER D 119 -29.75 1.62 28.00
CA SER D 119 -31.18 1.94 28.00
C SER D 119 -31.78 1.93 29.41
N LEU D 120 -31.18 1.13 30.28
CA LEU D 120 -31.64 0.97 31.66
C LEU D 120 -30.93 1.95 32.62
N GLY D 121 -29.91 2.66 32.13
CA GLY D 121 -29.24 3.70 32.90
C GLY D 121 -27.80 3.40 33.29
N LEU D 122 -27.24 2.29 32.80
CA LEU D 122 -25.85 1.99 33.08
C LEU D 122 -24.93 2.75 32.14
N GLY D 123 -23.79 3.15 32.69
CA GLY D 123 -22.70 3.70 31.89
C GLY D 123 -21.64 2.61 31.75
N HIS D 124 -20.50 2.96 31.19
CA HIS D 124 -19.44 1.98 30.93
C HIS D 124 -18.72 1.54 32.19
N SER D 125 -18.18 0.34 32.13
CA SER D 125 -17.39 -0.24 33.20
C SER D 125 -15.91 -0.23 32.80
N SER D 126 -15.03 -0.14 33.78
CA SER D 126 -13.61 -0.27 33.52
C SER D 126 -13.14 -1.69 33.82
N ASP D 127 -14.09 -2.54 34.21
CA ASP D 127 -13.80 -3.97 34.34
C ASP D 127 -13.89 -4.62 32.97
N PRO D 128 -12.76 -5.15 32.46
CA PRO D 128 -12.74 -5.78 31.14
C PRO D 128 -13.70 -6.97 31.02
N LYS D 129 -14.01 -7.62 32.15
CA LYS D 129 -14.92 -8.77 32.16
C LYS D 129 -16.38 -8.36 31.97
N ALA D 130 -16.67 -7.09 32.18
CA ALA D 130 -18.05 -6.60 32.12
C ALA D 130 -18.54 -6.45 30.70
N VAL D 131 -19.83 -6.75 30.49
CA VAL D 131 -20.45 -6.54 29.19
C VAL D 131 -20.57 -5.05 28.91
N MET D 132 -20.55 -4.24 29.97
CA MET D 132 -20.60 -2.79 29.84
C MET D 132 -19.20 -2.17 29.59
N PHE D 133 -18.19 -3.02 29.50
CA PHE D 133 -16.88 -2.55 29.09
C PHE D 133 -17.01 -2.24 27.59
N PRO D 134 -16.53 -1.07 27.16
CA PRO D 134 -16.91 -0.58 25.82
C PRO D 134 -16.13 -1.19 24.63
N THR D 135 -15.87 -2.49 24.69
N THR D 135 -15.84 -2.48 24.69
CA THR D 135 -15.22 -3.20 23.58
CA THR D 135 -15.23 -3.21 23.59
C THR D 135 -16.02 -4.46 23.22
C THR D 135 -16.08 -4.43 23.23
N TYR D 136 -16.42 -4.58 21.96
CA TYR D 136 -17.11 -5.78 21.48
C TYR D 136 -16.23 -7.01 21.60
N LYS D 137 -16.80 -8.08 22.14
CA LYS D 137 -16.13 -9.36 22.15
C LYS D 137 -17.19 -10.43 21.94
N TYR D 138 -17.00 -11.29 20.94
CA TYR D 138 -17.91 -12.42 20.77
C TYR D 138 -17.56 -13.52 21.77
N VAL D 139 -18.58 -14.11 22.38
CA VAL D 139 -18.38 -15.31 23.18
C VAL D 139 -19.53 -16.24 22.88
N ASP D 140 -19.31 -17.53 23.13
CA ASP D 140 -20.34 -18.52 22.95
C ASP D 140 -21.61 -18.05 23.68
N ILE D 141 -22.69 -17.85 22.91
CA ILE D 141 -23.95 -17.32 23.40
C ILE D 141 -24.58 -18.14 24.54
N ASN D 142 -24.52 -19.46 24.43
CA ASN D 142 -25.11 -20.31 25.45
C ASN D 142 -24.28 -20.25 26.71
N THR D 143 -23.11 -19.64 26.61
CA THR D 143 -22.22 -19.53 27.76
C THR D 143 -21.95 -18.07 28.16
N PHE D 144 -22.67 -17.14 27.54
CA PHE D 144 -22.55 -15.73 27.93
C PHE D 144 -23.03 -15.52 29.37
N ARG D 145 -22.33 -14.69 30.12
CA ARG D 145 -22.75 -14.31 31.47
C ARG D 145 -22.48 -12.85 31.73
N LEU D 146 -23.37 -12.19 32.47
CA LEU D 146 -23.07 -10.87 33.02
C LEU D 146 -21.99 -11.02 34.08
N SER D 147 -21.04 -10.09 34.11
CA SER D 147 -20.01 -10.11 35.15
C SER D 147 -20.55 -9.59 36.49
N ALA D 148 -19.76 -9.77 37.54
CA ALA D 148 -20.12 -9.26 38.87
C ALA D 148 -20.44 -7.76 38.83
N ASP D 149 -19.58 -7.02 38.14
CA ASP D 149 -19.67 -5.56 38.05
C ASP D 149 -20.94 -5.11 37.33
N ASP D 150 -21.27 -5.76 36.22
CA ASP D 150 -22.56 -5.52 35.53
C ASP D 150 -23.75 -5.72 36.48
N ILE D 151 -23.77 -6.84 37.18
CA ILE D 151 -24.90 -7.11 38.07
C ILE D 151 -24.92 -6.11 39.23
N ARG D 152 -23.77 -5.80 39.82
CA ARG D 152 -23.73 -4.88 40.94
C ARG D 152 -24.27 -3.52 40.51
N GLY D 153 -23.86 -3.10 39.31
CA GLY D 153 -24.30 -1.84 38.75
C GLY D 153 -25.80 -1.76 38.58
N ILE D 154 -26.39 -2.71 37.84
CA ILE D 154 -27.83 -2.69 37.57
C ILE D 154 -28.69 -2.89 38.84
N GLN D 155 -28.14 -3.61 39.82
CA GLN D 155 -28.86 -3.91 41.05
C GLN D 155 -28.80 -2.76 42.05
N SER D 156 -27.81 -1.88 41.90
CA SER D 156 -27.77 -0.65 42.70
C SER D 156 -28.78 0.36 42.18
N LEU D 157 -29.23 0.17 40.94
CA LEU D 157 -30.20 1.08 40.32
C LEU D 157 -31.63 0.61 40.48
N TYR D 158 -31.84 -0.71 40.42
CA TYR D 158 -33.18 -1.24 40.50
C TYR D 158 -33.27 -2.30 41.58
N GLY D 159 -34.18 -2.09 42.53
CA GLY D 159 -34.39 -3.02 43.63
C GLY D 159 -35.87 -3.34 43.85
ZN ZN E . 13.58 0.00 -30.66
ZN ZN F . 1.38 -1.00 -33.41
CA CA G . 4.04 0.94 -44.76
CA CA H . -0.77 11.22 -24.73
CA CA I . 3.29 2.76 -22.78
C1 PGO J . -8.31 -0.13 -26.18
C2 PGO J . -8.28 0.95 -27.27
C3 PGO J . -9.34 2.03 -27.05
O1 PGO J . -7.25 -1.07 -26.39
O2 PGO J . -8.45 0.38 -28.58
S DMS K . -6.84 3.32 -31.16
O DMS K . -6.68 2.05 -31.92
C1 DMS K . -6.68 2.99 -29.40
C2 DMS K . -8.58 3.85 -31.05
C1 PEG L . -6.91 11.98 -33.59
O1 PEG L . -7.56 12.98 -32.78
C2 PEG L . -6.61 12.52 -34.99
O2 PEG L . -5.56 13.50 -35.06
C3 PEG L . -5.51 14.10 -36.36
C4 PEG L . -5.89 15.59 -36.30
O4 PEG L . -6.65 15.88 -35.11
C1 PGO M . -6.05 15.63 -40.34
C2 PGO M . -5.00 14.62 -39.92
C3 PGO M . -4.14 14.19 -41.10
O1 PGO M . -6.95 15.89 -39.24
O2 PGO M . -5.64 13.48 -39.39
O15 L29 N . 9.04 1.05 -26.46
S13 L29 N . 10.45 0.38 -25.92
O14 L29 N . 10.90 0.39 -24.35
C10 L29 N . 11.55 1.74 -26.45
C11 L29 N . 11.14 2.60 -27.57
C12 L29 N . 11.99 3.73 -27.93
C7 L29 N . 13.17 3.95 -27.22
C1 L29 N . 14.07 5.16 -27.56
C2 L29 N . 15.41 5.00 -27.64
C3 L29 N . 16.27 6.23 -27.89
C4 L29 N . 15.69 7.45 -28.00
C5 L29 N . 14.29 7.62 -27.84
C6 L29 N . 13.46 6.44 -27.58
C8 L29 N . 13.59 3.07 -26.06
C9 L29 N . 12.76 1.97 -25.69
N16 L29 N . 10.86 -0.91 -26.66
C17 L29 N . 10.28 -1.13 -27.97
C18 L29 N . 10.00 -2.61 -28.19
C19 L29 N . 9.66 -3.02 -29.61
C20 L29 N . 9.14 -3.28 -27.12
C21 L29 N . 11.13 -0.54 -29.09
N22 L29 N . 10.46 0.21 -30.13
O22 L29 N . 11.24 0.63 -31.22
O23 L29 N . 12.20 -0.96 -29.30
C24 L29 N . 12.16 -1.43 -26.27
C25 L29 N . 12.10 -2.60 -25.26
N26 L29 N . 13.41 -3.23 -24.97
C27 L29 N . 13.96 -4.16 -25.95
O28 L29 N . 13.40 -4.43 -26.95
C29 L29 N . 15.33 -4.80 -25.60
C30 L29 N . 15.79 -5.89 -26.27
C31 L29 N . 17.11 -6.50 -25.86
C32 L29 N . 17.90 -5.91 -24.72
C34 L29 N . 16.11 -4.18 -24.43
C33 L29 N . 17.38 -4.79 -24.06
C35 L29 N . 18.14 -4.11 -22.91
O36 L29 N . 19.15 -4.56 -22.47
N37 L29 N . 17.55 -2.86 -22.43
C38 L29 N . 18.21 -2.21 -21.30
C39 L29 N . 18.10 -2.94 -19.93
N40 L29 N . 18.95 -2.21 -18.97
C56 L29 N . 19.85 -2.93 -18.10
C57 L29 N . 21.27 -3.08 -18.62
C58 L29 N . 21.60 -2.31 -19.90
C59 L29 N . 21.87 -4.48 -18.51
C60 L29 N . 19.27 -4.14 -17.40
N61 L29 N . 19.54 -4.31 -16.00
O61 L29 N . 19.11 -5.53 -15.47
O62 L29 N . 18.77 -5.03 -18.01
S41 L29 N . 18.04 -1.07 -18.09
O43 L29 N . 19.05 -0.40 -16.96
O42 L29 N . 17.45 0.03 -19.14
C45 L29 N . 16.58 -1.76 -17.24
C46 L29 N . 15.39 -1.91 -17.95
C47 L29 N . 14.20 -2.43 -17.26
C48 L29 N . 14.28 -2.77 -15.83
C49 L29 N . 15.50 -2.59 -15.08
C5A L29 N . 16.67 -2.09 -15.76
C50 L29 N . 13.01 -3.25 -15.10
C51 L29 N . 12.17 -4.14 -15.68
C52 L29 N . 10.97 -4.54 -14.98
C53 L29 N . 10.68 -3.96 -13.72
C54 L29 N . 11.53 -3.00 -13.15
C55 L29 N . 12.69 -2.62 -13.82
ZN ZN O . 17.85 -6.62 -17.06
ZN ZN P . 28.10 -1.83 -11.84
CA CA Q . 29.01 -11.42 -4.83
CA CA R . 19.61 9.29 -6.87
CA CA S . 20.91 6.22 -15.81
C1 PEG T . 10.14 3.74 -18.02
O1 PEG T . 10.40 3.08 -19.28
C2 PEG T . 8.76 4.40 -18.03
O2 PEG T . 8.31 4.50 -16.68
C3 PEG T . 6.98 4.99 -16.49
C4 PEG T . 6.14 3.99 -15.66
O4 PEG T . 4.96 4.62 -15.13
C1 GOL U . 6.60 -5.90 -15.71
O1 GOL U . 5.94 -6.73 -14.77
C2 GOL U . 6.38 -4.45 -15.30
O2 GOL U . 6.27 -4.36 -13.90
C3 GOL U . 7.58 -3.61 -15.73
O3 GOL U . 7.67 -3.60 -17.15
ZN ZN V . -6.41 4.67 23.94
ZN ZN W . 1.22 -2.46 30.76
CA CA X . 10.01 5.37 29.33
CA CA Y . -0.22 -12.97 19.96
CA CA Z . -6.90 -8.51 25.36
O15 L29 AA . -7.24 -1.66 24.39
S13 L29 AA . -8.57 -0.69 24.20
O14 L29 AA . -9.99 -1.34 23.74
C10 L29 AA . -8.17 0.11 22.59
C11 L29 AA . -6.77 0.23 22.11
C12 L29 AA . -6.52 0.82 20.77
C7 L29 AA . -7.59 1.26 19.99
C1 L29 AA . -7.32 1.79 18.56
C2 L29 AA . -7.91 2.93 18.11
C3 L29 AA . -7.64 3.38 16.68
C4 L29 AA . -6.86 2.62 15.88
C5 L29 AA . -6.29 1.41 16.33
C6 L29 AA . -6.55 0.97 17.70
C8 L29 AA . -9.03 1.12 20.48
C9 L29 AA . -9.27 0.55 21.77
N16 L29 AA . -8.69 0.47 25.21
C17 L29 AA . -7.45 0.88 25.86
C18 L29 AA . -7.66 1.13 27.35
C19 L29 AA . -6.51 1.88 28.01
C20 L29 AA . -8.04 -0.13 28.12
C21 L29 AA . -6.78 2.03 25.14
N22 L29 AA . -5.39 1.93 24.80
O22 L29 AA . -4.85 3.14 24.39
O23 L29 AA . -7.30 3.07 25.06
C24 L29 AA . -9.82 1.36 25.06
C25 L29 AA . -11.15 0.85 25.69
N26 L29 AA . -12.25 1.83 25.69
C27 L29 AA . -12.03 3.05 26.52
O28 L29 AA . -11.09 3.14 27.24
C29 L29 AA . -13.11 4.14 26.46
C30 L29 AA . -13.08 5.23 27.26
C31 L29 AA . -14.18 6.25 27.13
C32 L29 AA . -15.30 6.03 26.14
C34 L29 AA . -14.24 3.90 25.44
C33 L29 AA . -15.30 4.88 25.36
C35 L29 AA . -16.36 4.59 24.29
O36 L29 AA . -17.33 5.25 24.16
N37 L29 AA . -15.97 3.59 23.31
C38 L29 AA . -16.83 3.45 22.12
C39 L29 AA . -18.11 2.65 22.38
N40 L29 AA . -19.05 2.77 21.24
C56 L29 AA . -20.35 3.29 21.59
C57 L29 AA . -20.33 4.80 21.78
C58 L29 AA . -21.57 5.40 22.44
C59 L29 AA . -19.92 5.57 20.52
C60 L29 AA . -20.99 2.55 22.75
N61 L29 AA . -22.32 2.04 22.53
O61 L29 AA . -23.12 1.78 23.64
O62 L29 AA . -20.70 2.85 23.86
S41 L29 AA . -19.10 1.31 20.35
O43 L29 AA . -20.30 1.53 19.25
O42 L29 AA . -17.61 1.05 19.70
C45 L29 AA . -19.49 -0.22 21.26
C46 L29 AA . -18.48 -0.90 21.92
C47 L29 AA . -18.81 -2.18 22.58
C48 L29 AA . -20.18 -2.70 22.52
C49 L29 AA . -21.23 -2.00 21.82
C5A L29 AA . -20.92 -0.75 21.18
C50 L29 AA . -20.45 -4.08 23.11
C51 L29 AA . -21.06 -4.99 22.33
C52 L29 AA . -21.22 -6.34 22.80
C53 L29 AA . -20.63 -6.71 24.05
C54 L29 AA . -19.89 -5.81 24.79
C55 L29 AA . -19.74 -4.50 24.32
C1 PEG BA . 10.85 6.44 13.37
O1 PEG BA . 10.13 6.66 12.15
C2 PEG BA . 12.36 6.33 13.19
O2 PEG BA . 12.79 4.96 13.03
C3 PEG BA . 14.17 4.78 13.33
C4 PEG BA . 14.85 3.91 12.29
O4 PEG BA . 14.29 2.60 12.21
ZN ZN CA . -21.73 1.51 25.32
ZN ZN DA . -29.01 7.21 16.93
CA CA EA . -38.13 6.06 24.36
CA CA FA . -26.48 -4.49 7.65
CA CA GA . -20.15 1.29 12.27
C1 PEG HA . -36.24 9.25 34.49
O1 PEG HA . -36.81 10.18 35.42
C2 PEG HA . -37.30 8.68 33.55
O2 PEG HA . -38.27 7.91 34.25
C3 PEG HA . -39.32 7.41 33.40
C4 PEG HA . -40.11 6.34 34.14
O4 PEG HA . -41.25 5.90 33.39
#